data_5IX1
#
_entry.id   5IX1
#
_cell.length_a   111.353
_cell.length_b   149.079
_cell.length_c   173.473
_cell.angle_alpha   90.00
_cell.angle_beta   90.00
_cell.angle_gamma   90.00
#
_symmetry.space_group_name_H-M   'I 2 2 2'
#
loop_
_entity.id
_entity.type
_entity.pdbx_description
1 polymer 'MORC family CW-type zinc finger protein 3'
2 polymer 'Peptide from Histone H3.1'
3 non-polymer 'ZINC ION'
4 non-polymer 'PHOSPHOAMINOPHOSPHONIC ACID-ADENYLATE ESTER'
5 non-polymer 'MAGNESIUM ION'
6 water water
#
loop_
_entity_poly.entity_id
_entity_poly.type
_entity_poly.pdbx_seq_one_letter_code
_entity_poly.pdbx_strand_id
1 'polypeptide(L)'
;STGIRLSALCPKFLHTNSTSHTWPFSAVAELIDNAYDPDVNAKQIWIDKTVISDHICLTFTDNGNGMTADKLHKMLSFGF
SDKVTMNGHVPVGLYGNGFKSGSMRLGKDAMVFTKNGETMSVGFLSQTYLEVIKAEHVVVPIVTFNKHRQMINLTESKAS
LAAILEHSLFSTEQKLLAELNAIMGKKGTRIIIWNLRSYKNATEFDFEKDKYDIRIPEDLDETAGRKGYKKQERMDQIAP
ESDYSLRAYCSILYLKPRMQIIIRGQKVKTQLVSKSLAYIERDVYRPKFLTRTVRITFGFNCRNKDHYGIMMYHKNRLIK
AYEKVGCQLKANNMGVGVVGIIECNFLKPTHNKQDFDYTNEYRLTILALGEKLNDYWNEMKVKKNAEYPVNLPVEDIQKR
PDQTWVQCDACLKWRKLPDGIDQLPEKWYCSNNPDPQFRNCEVPEEPEDED
;
A,B
2 'polypeptide(L)' ART(M3L)QTARKSTGGKA P,Q
#
# COMPACT_ATOMS: atom_id res chain seq x y z
N GLY A 3 -10.63 -23.43 18.98
CA GLY A 3 -10.24 -24.26 17.86
C GLY A 3 -10.22 -23.48 16.58
N ILE A 4 -10.56 -22.21 16.67
CA ILE A 4 -10.50 -21.33 15.55
C ILE A 4 -9.07 -21.02 15.16
N ARG A 5 -8.81 -21.04 13.87
CA ARG A 5 -7.48 -20.80 13.38
C ARG A 5 -7.04 -19.36 13.38
N LEU A 6 -5.73 -19.18 13.55
CA LEU A 6 -5.10 -17.89 13.36
C LEU A 6 -4.84 -17.67 11.92
N SER A 7 -4.99 -16.43 11.48
CA SER A 7 -4.57 -16.07 10.16
C SER A 7 -3.07 -16.15 10.09
N ALA A 8 -2.55 -16.54 8.96
CA ALA A 8 -1.15 -16.85 8.80
C ALA A 8 -0.43 -15.85 7.94
N LEU A 9 0.88 -15.74 8.13
CA LEU A 9 1.72 -14.88 7.32
C LEU A 9 2.72 -15.67 6.58
N CYS A 10 2.73 -15.48 5.27
CA CYS A 10 3.62 -16.21 4.42
C CYS A 10 4.78 -15.30 4.23
N PRO A 11 6.02 -15.93 4.06
CA PRO A 11 7.15 -15.02 3.93
C PRO A 11 7.02 -14.09 2.74
N LYS A 12 6.35 -14.53 1.71
CA LYS A 12 6.26 -13.77 0.48
C LYS A 12 5.60 -12.43 0.75
N PHE A 13 4.75 -12.39 1.76
CA PHE A 13 4.01 -11.20 2.05
C PHE A 13 4.96 -10.08 2.38
N LEU A 14 6.15 -10.41 2.84
CA LEU A 14 7.10 -9.40 3.22
C LEU A 14 7.42 -8.52 2.05
N HIS A 15 7.57 -9.10 0.88
CA HIS A 15 7.74 -8.30 -0.32
C HIS A 15 6.50 -7.51 -0.66
N THR A 16 5.36 -8.15 -0.48
CA THR A 16 4.10 -7.60 -0.88
C THR A 16 3.82 -6.36 -0.11
N ASN A 17 4.12 -6.40 1.17
CA ASN A 17 3.89 -5.28 2.05
C ASN A 17 4.74 -4.08 1.75
N SER A 18 5.71 -4.26 0.88
CA SER A 18 6.65 -3.18 0.55
C SER A 18 6.29 -2.44 -0.74
N THR A 19 5.31 -2.95 -1.45
CA THR A 19 4.98 -2.48 -2.78
C THR A 19 4.32 -1.12 -2.85
N SER A 20 3.88 -0.60 -1.72
CA SER A 20 3.38 0.76 -1.66
C SER A 20 4.42 1.83 -1.80
N HIS A 21 5.67 1.50 -1.53
CA HIS A 21 6.72 2.48 -1.62
C HIS A 21 7.30 2.47 -2.99
N THR A 22 7.07 3.55 -3.70
CA THR A 22 7.58 3.67 -5.04
C THR A 22 8.66 4.72 -5.09
N TRP A 23 8.74 5.50 -4.04
CA TRP A 23 9.83 6.40 -3.82
C TRP A 23 10.56 5.84 -2.64
N PRO A 24 11.89 5.51 -2.89
CA PRO A 24 12.54 4.84 -1.76
C PRO A 24 12.64 5.65 -0.50
N PHE A 25 12.70 6.96 -0.63
CA PHE A 25 12.82 7.80 0.53
C PHE A 25 11.63 7.68 1.43
N SER A 26 10.52 7.23 0.90
CA SER A 26 9.35 7.05 1.72
C SER A 26 9.62 6.01 2.75
N ALA A 27 10.30 4.96 2.34
CA ALA A 27 10.72 3.91 3.23
C ALA A 27 11.73 4.40 4.28
N VAL A 28 12.67 5.21 3.85
CA VAL A 28 13.64 5.76 4.75
C VAL A 28 12.91 6.61 5.74
N ALA A 29 11.95 7.37 5.29
CA ALA A 29 11.29 8.32 6.16
C ALA A 29 10.63 7.60 7.29
N GLU A 30 10.14 6.42 6.99
CA GLU A 30 9.45 5.62 7.97
C GLU A 30 10.32 5.20 9.12
N LEU A 31 11.54 4.80 8.82
CA LEU A 31 12.49 4.42 9.84
C LEU A 31 12.85 5.62 10.71
N ILE A 32 13.02 6.76 10.09
CA ILE A 32 13.31 7.95 10.82
C ILE A 32 12.18 8.25 11.75
N ASP A 33 10.96 8.02 11.30
CA ASP A 33 9.80 8.37 12.11
C ASP A 33 9.82 7.59 13.37
N ASN A 34 10.17 6.33 13.28
CA ASN A 34 10.16 5.48 14.44
C ASN A 34 11.15 5.97 15.50
N ALA A 35 12.30 6.46 15.09
CA ALA A 35 13.21 7.11 16.00
C ALA A 35 12.64 8.38 16.56
N TYR A 36 11.97 9.14 15.73
CA TYR A 36 11.39 10.41 16.15
C TYR A 36 10.32 10.25 17.20
N ASP A 37 9.54 9.21 17.11
CA ASP A 37 8.32 9.11 17.87
C ASP A 37 8.58 9.13 19.34
N PRO A 38 7.56 9.72 20.09
CA PRO A 38 7.89 9.88 21.51
C PRO A 38 8.16 8.64 22.31
N ASP A 39 7.72 7.47 21.91
CA ASP A 39 8.06 6.32 22.71
C ASP A 39 9.56 6.08 22.71
N VAL A 40 10.19 6.22 21.56
CA VAL A 40 11.65 6.22 21.45
C VAL A 40 12.40 7.44 21.97
N ASN A 41 11.89 8.61 21.64
CA ASN A 41 12.44 9.88 22.06
C ASN A 41 13.90 10.11 21.73
N ALA A 42 14.34 9.66 20.58
CA ALA A 42 15.71 9.85 20.18
C ALA A 42 16.02 11.29 19.92
N LYS A 43 17.23 11.72 20.24
CA LYS A 43 17.64 13.06 19.89
C LYS A 43 18.54 13.07 18.70
N GLN A 44 19.07 11.93 18.35
CA GLN A 44 19.87 11.85 17.16
C GLN A 44 19.52 10.59 16.43
N ILE A 45 19.55 10.62 15.11
CA ILE A 45 19.56 9.40 14.37
C ILE A 45 20.67 9.48 13.37
N TRP A 46 21.42 8.41 13.22
CA TRP A 46 22.53 8.41 12.30
C TRP A 46 22.17 7.50 11.16
N ILE A 47 22.24 8.00 9.94
CA ILE A 47 21.94 7.16 8.81
C ILE A 47 23.18 7.06 7.99
N ASP A 48 23.62 5.85 7.71
CA ASP A 48 24.91 5.64 7.10
C ASP A 48 24.91 4.57 6.05
N LYS A 49 25.92 4.62 5.20
CA LYS A 49 26.19 3.53 4.29
C LYS A 49 27.54 2.94 4.60
N THR A 50 27.63 1.62 4.66
CA THR A 50 28.84 0.96 5.05
C THR A 50 28.88 -0.38 4.39
N VAL A 51 29.99 -1.09 4.52
CA VAL A 51 30.05 -2.44 4.02
C VAL A 51 30.27 -3.42 5.15
N ILE A 52 29.48 -4.47 5.20
CA ILE A 52 29.70 -5.52 6.16
C ILE A 52 29.71 -6.88 5.49
N SER A 53 30.75 -7.66 5.74
CA SER A 53 30.83 -8.99 5.22
C SER A 53 30.65 -8.98 3.73
N ASP A 54 31.17 -7.96 3.10
CA ASP A 54 31.13 -7.86 1.66
C ASP A 54 29.80 -7.44 1.09
N HIS A 55 28.90 -7.01 1.94
CA HIS A 55 27.60 -6.56 1.51
C HIS A 55 27.41 -5.12 1.83
N ILE A 56 26.96 -4.32 0.87
CA ILE A 56 26.64 -2.95 1.16
C ILE A 56 25.47 -2.93 2.10
N CYS A 57 25.49 -2.02 3.05
CA CYS A 57 24.52 -2.01 4.10
C CYS A 57 24.08 -0.62 4.36
N LEU A 58 22.87 -0.49 4.85
CA LEU A 58 22.36 0.79 5.21
C LEU A 58 22.07 0.65 6.65
N THR A 59 22.42 1.65 7.45
CA THR A 59 22.25 1.52 8.87
C THR A 59 21.50 2.68 9.42
N PHE A 60 20.64 2.41 10.39
CA PHE A 60 19.92 3.45 11.05
C PHE A 60 20.14 3.27 12.52
N THR A 61 20.76 4.23 13.16
CA THR A 61 21.17 4.10 14.54
C THR A 61 20.64 5.27 15.31
N ASP A 62 20.08 5.01 16.48
CA ASP A 62 19.51 6.08 17.28
C ASP A 62 19.81 5.97 18.76
N ASN A 63 19.64 7.07 19.47
CA ASN A 63 19.96 7.13 20.87
C ASN A 63 18.74 7.16 21.75
N GLY A 64 17.68 6.55 21.27
CA GLY A 64 16.43 6.49 21.98
C GLY A 64 16.33 5.38 22.98
N ASN A 65 15.15 5.22 23.55
CA ASN A 65 14.89 4.31 24.65
C ASN A 65 15.05 2.83 24.44
N GLY A 66 15.02 2.34 23.22
CA GLY A 66 15.25 0.93 22.98
C GLY A 66 14.05 0.08 23.29
N MET A 67 14.18 -1.23 23.18
CA MET A 67 13.04 -2.11 23.36
C MET A 67 13.30 -3.28 24.26
N THR A 68 12.25 -3.73 24.92
CA THR A 68 12.27 -4.98 25.63
C THR A 68 12.19 -6.00 24.55
N ALA A 69 12.35 -7.27 24.88
CA ALA A 69 12.24 -8.30 23.86
C ALA A 69 10.84 -8.37 23.28
N ASP A 70 9.83 -8.26 24.14
CA ASP A 70 8.48 -8.40 23.69
C ASP A 70 8.19 -7.30 22.71
N LYS A 71 8.67 -6.12 23.03
CA LYS A 71 8.49 -4.99 22.18
C LYS A 71 9.17 -5.23 20.87
N LEU A 72 10.29 -5.92 20.90
CA LEU A 72 10.97 -6.24 19.67
C LEU A 72 10.10 -7.13 18.83
N HIS A 73 9.41 -8.06 19.45
CA HIS A 73 8.57 -8.97 18.71
C HIS A 73 7.45 -8.25 18.01
N LYS A 74 6.86 -7.31 18.70
CA LYS A 74 5.83 -6.51 18.12
C LYS A 74 6.35 -5.70 16.97
N MET A 75 7.56 -5.19 17.08
CA MET A 75 8.14 -4.42 15.99
C MET A 75 8.27 -5.31 14.77
N LEU A 76 8.52 -6.58 14.98
CA LEU A 76 8.71 -7.49 13.88
C LEU A 76 7.42 -8.20 13.55
N SER A 77 6.35 -7.69 14.10
CA SER A 77 5.03 -8.23 13.87
C SER A 77 4.19 -7.18 13.19
N PHE A 78 3.03 -7.55 12.64
CA PHE A 78 2.28 -6.64 11.82
C PHE A 78 1.07 -6.07 12.52
N GLY A 79 0.96 -4.76 12.57
CA GLY A 79 -0.18 -4.13 13.17
C GLY A 79 -0.17 -3.73 14.63
N PHE A 80 0.92 -3.95 15.35
CA PHE A 80 0.94 -3.57 16.76
C PHE A 80 1.56 -2.20 16.92
N SER A 81 0.81 -1.26 17.46
CA SER A 81 1.35 0.03 17.74
C SER A 81 0.64 0.54 18.96
N ASP A 82 1.37 1.09 19.92
CA ASP A 82 0.73 1.67 21.08
C ASP A 82 1.35 3.00 21.44
N LYS A 83 1.18 3.98 20.59
CA LYS A 83 1.88 5.23 20.76
C LYS A 83 0.96 6.32 21.18
N VAL A 84 1.36 7.08 22.18
CA VAL A 84 0.52 8.11 22.74
C VAL A 84 1.27 9.39 22.76
N THR A 85 0.56 10.50 22.67
CA THR A 85 1.21 11.78 22.75
C THR A 85 1.77 11.99 24.13
N MET A 86 2.99 12.51 24.20
CA MET A 86 3.57 12.85 25.48
C MET A 86 4.01 14.28 25.45
N ASN A 87 3.50 15.07 26.36
CA ASN A 87 3.97 16.42 26.53
C ASN A 87 3.91 17.16 25.22
N GLY A 88 2.86 16.92 24.46
CA GLY A 88 2.67 17.66 23.25
C GLY A 88 3.49 17.15 22.11
N HIS A 89 4.19 16.05 22.34
CA HIS A 89 4.92 15.37 21.30
C HIS A 89 4.02 14.28 20.76
N VAL A 90 3.59 14.39 19.51
CA VAL A 90 2.61 13.49 18.98
C VAL A 90 3.26 12.50 18.08
N PRO A 91 2.93 11.18 18.38
CA PRO A 91 3.56 10.22 17.48
C PRO A 91 2.97 10.25 16.11
N VAL A 92 3.83 10.15 15.12
CA VAL A 92 3.44 9.87 13.78
C VAL A 92 2.89 8.46 13.65
N GLY A 93 3.45 7.52 14.38
CA GLY A 93 3.07 6.14 14.21
C GLY A 93 1.65 5.79 14.58
N LEU A 94 1.00 5.05 13.70
CA LEU A 94 -0.41 4.69 13.81
C LEU A 94 -0.68 3.26 13.45
N TYR A 95 -0.31 2.93 12.23
CA TYR A 95 -0.56 1.69 11.53
C TYR A 95 0.11 0.42 12.02
N GLY A 96 1.33 0.51 12.53
CA GLY A 96 2.04 -0.68 12.95
C GLY A 96 2.68 -1.47 11.84
N ASN A 97 2.85 -0.85 10.70
CA ASN A 97 3.40 -1.54 9.56
C ASN A 97 4.65 -0.89 9.05
N GLY A 98 4.97 0.28 9.55
CA GLY A 98 6.00 1.09 8.96
C GLY A 98 7.42 0.53 8.90
N PHE A 99 7.89 -0.16 9.92
CA PHE A 99 9.18 -0.81 9.82
C PHE A 99 9.24 -1.90 8.79
N LYS A 100 8.23 -2.74 8.74
CA LYS A 100 8.27 -3.82 7.79
C LYS A 100 8.20 -3.32 6.38
N SER A 101 7.32 -2.38 6.14
CA SER A 101 7.13 -1.90 4.80
C SER A 101 8.37 -1.18 4.34
N GLY A 102 8.92 -0.37 5.21
CA GLY A 102 10.14 0.34 4.89
C GLY A 102 11.37 -0.51 4.72
N SER A 103 11.56 -1.45 5.65
CA SER A 103 12.76 -2.21 5.65
C SER A 103 12.82 -3.00 4.40
N MET A 104 11.73 -3.66 4.10
CA MET A 104 11.70 -4.58 3.00
C MET A 104 11.76 -3.90 1.67
N ARG A 105 11.26 -2.70 1.62
CA ARG A 105 11.38 -1.92 0.43
C ARG A 105 12.83 -1.61 0.18
N LEU A 106 13.54 -1.23 1.22
CA LEU A 106 14.96 -0.93 1.07
C LEU A 106 15.78 -2.15 0.72
N GLY A 107 15.52 -3.26 1.36
CA GLY A 107 16.32 -4.44 1.12
C GLY A 107 15.69 -5.71 1.53
N LYS A 108 16.24 -6.82 1.08
CA LYS A 108 15.73 -8.13 1.46
C LYS A 108 15.89 -8.50 2.92
N ASP A 109 17.00 -8.13 3.54
CA ASP A 109 17.33 -8.60 4.86
C ASP A 109 17.67 -7.48 5.82
N ALA A 110 17.15 -7.56 7.02
CA ALA A 110 17.35 -6.51 7.98
C ALA A 110 17.53 -7.08 9.36
N MET A 111 18.31 -6.41 10.19
CA MET A 111 18.49 -6.86 11.55
C MET A 111 18.40 -5.72 12.52
N VAL A 112 17.82 -5.98 13.68
CA VAL A 112 17.66 -4.94 14.65
C VAL A 112 18.41 -5.23 15.93
N PHE A 113 19.27 -4.32 16.33
CA PHE A 113 19.98 -4.44 17.57
C PHE A 113 19.44 -3.37 18.47
N THR A 114 19.04 -3.71 19.68
CA THR A 114 18.47 -2.70 20.56
C THR A 114 18.93 -2.81 22.00
N LYS A 115 19.06 -1.68 22.67
CA LYS A 115 19.39 -1.66 24.08
C LYS A 115 18.44 -0.77 24.83
N ASN A 116 17.78 -1.30 25.84
CA ASN A 116 16.93 -0.47 26.66
C ASN A 116 17.50 -0.18 28.03
N GLY A 117 18.75 -0.57 28.21
CA GLY A 117 19.44 -0.30 29.46
C GLY A 117 19.19 -1.31 30.54
N GLU A 118 18.41 -2.34 30.26
CA GLU A 118 18.31 -3.45 31.16
C GLU A 118 18.70 -4.69 30.41
N THR A 119 18.35 -4.73 29.15
CA THR A 119 18.61 -5.90 28.33
C THR A 119 18.98 -5.42 26.97
N MET A 120 19.53 -6.29 26.17
CA MET A 120 19.78 -5.97 24.80
C MET A 120 19.23 -7.10 23.98
N SER A 121 18.71 -6.82 22.80
CA SER A 121 18.20 -7.89 21.95
C SER A 121 18.52 -7.70 20.50
N VAL A 122 18.56 -8.81 19.78
CA VAL A 122 18.83 -8.79 18.38
C VAL A 122 17.70 -9.47 17.64
N GLY A 123 17.15 -8.80 16.63
CA GLY A 123 16.04 -9.32 15.87
C GLY A 123 16.29 -9.46 14.39
N PHE A 124 15.89 -10.59 13.83
CA PHE A 124 16.15 -10.90 12.44
C PHE A 124 14.87 -10.94 11.60
N LEU A 125 14.81 -10.15 10.55
CA LEU A 125 13.70 -10.15 9.60
C LEU A 125 14.24 -10.28 8.22
N SER A 126 14.49 -11.48 7.77
CA SER A 126 15.09 -11.70 6.47
C SER A 126 14.24 -12.45 5.49
N GLN A 127 14.08 -11.88 4.31
CA GLN A 127 13.48 -12.62 3.24
C GLN A 127 14.37 -13.74 2.81
N THR A 128 15.65 -13.47 2.77
CA THR A 128 16.62 -14.44 2.31
C THR A 128 16.66 -15.67 3.19
N TYR A 129 16.59 -15.45 4.49
CA TYR A 129 16.63 -16.53 5.43
C TYR A 129 15.42 -17.40 5.26
N LEU A 130 14.28 -16.77 5.09
CA LEU A 130 13.04 -17.50 4.93
C LEU A 130 12.98 -18.33 3.68
N GLU A 131 13.53 -17.80 2.60
CA GLU A 131 13.62 -18.59 1.39
C GLU A 131 14.51 -19.80 1.59
N VAL A 132 15.64 -19.62 2.23
CA VAL A 132 16.60 -20.70 2.34
C VAL A 132 16.05 -21.86 3.15
N ILE A 133 15.37 -21.56 4.25
CA ILE A 133 14.89 -22.62 5.10
C ILE A 133 13.53 -23.04 4.67
N LYS A 134 13.06 -22.42 3.60
CA LYS A 134 11.80 -22.77 3.03
C LYS A 134 10.71 -22.71 4.05
N ALA A 135 10.73 -21.66 4.85
CA ALA A 135 9.73 -21.49 5.87
C ALA A 135 8.36 -21.23 5.29
N GLU A 136 7.33 -21.76 5.93
CA GLU A 136 5.99 -21.54 5.48
C GLU A 136 5.35 -20.39 6.21
N HIS A 137 5.98 -19.93 7.27
CA HIS A 137 5.46 -18.84 8.03
C HIS A 137 6.58 -17.87 8.25
N VAL A 138 6.23 -16.64 8.58
CA VAL A 138 7.24 -15.68 8.88
C VAL A 138 7.60 -15.92 10.29
N VAL A 139 8.87 -16.19 10.48
CA VAL A 139 9.39 -16.49 11.78
C VAL A 139 10.52 -15.51 12.03
N VAL A 140 10.51 -14.88 13.19
CA VAL A 140 11.49 -13.86 13.47
C VAL A 140 12.42 -14.18 14.64
N PRO A 141 13.70 -14.61 14.27
CA PRO A 141 14.57 -14.96 15.41
C PRO A 141 14.93 -13.83 16.33
N ILE A 142 14.92 -14.11 17.62
CA ILE A 142 15.32 -13.12 18.59
C ILE A 142 16.27 -13.67 19.62
N VAL A 143 17.32 -12.92 19.89
CA VAL A 143 18.28 -13.26 20.91
C VAL A 143 18.27 -12.17 21.94
N THR A 144 18.22 -12.54 23.20
CA THR A 144 18.24 -11.53 24.24
C THR A 144 19.27 -11.76 25.33
N PHE A 145 19.77 -10.67 25.89
CA PHE A 145 20.87 -10.71 26.83
C PHE A 145 20.61 -9.83 28.01
N ASN A 146 21.20 -10.18 29.14
CA ASN A 146 21.20 -9.35 30.33
C ASN A 146 22.26 -8.31 30.17
N LYS A 147 22.36 -7.41 31.13
CA LYS A 147 23.31 -6.33 31.05
C LYS A 147 24.72 -6.90 31.01
N HIS A 148 24.89 -8.11 31.49
CA HIS A 148 26.21 -8.70 31.58
C HIS A 148 26.67 -9.45 30.34
N ARG A 149 25.89 -9.42 29.27
CA ARG A 149 26.21 -10.17 28.06
C ARG A 149 25.85 -11.63 28.19
N GLN A 150 24.98 -11.92 29.14
CA GLN A 150 24.49 -13.26 29.34
C GLN A 150 23.09 -13.40 28.74
N MET A 151 22.88 -14.51 28.05
CA MET A 151 21.65 -14.83 27.38
C MET A 151 20.54 -15.05 28.39
N ILE A 152 19.32 -14.88 27.95
CA ILE A 152 18.17 -15.11 28.80
C ILE A 152 17.12 -15.56 27.84
N ASN A 153 16.02 -16.14 28.31
CA ASN A 153 15.04 -16.67 27.39
C ASN A 153 15.72 -17.63 26.44
N LEU A 154 16.45 -18.57 26.99
CA LEU A 154 17.39 -19.35 26.23
C LEU A 154 16.83 -20.19 25.11
N THR A 155 15.67 -20.80 25.30
CA THR A 155 15.17 -21.71 24.30
C THR A 155 14.93 -20.95 23.02
N GLU A 156 14.33 -19.77 23.14
CA GLU A 156 14.10 -18.93 21.99
C GLU A 156 15.40 -18.42 21.47
N SER A 157 16.24 -17.98 22.39
CA SER A 157 17.53 -17.38 22.07
C SER A 157 18.52 -18.33 21.43
N LYS A 158 18.57 -19.55 21.93
CA LYS A 158 19.50 -20.50 21.37
C LYS A 158 19.18 -20.82 19.95
N ALA A 159 17.92 -21.06 19.66
CA ALA A 159 17.52 -21.37 18.30
C ALA A 159 17.74 -20.17 17.43
N SER A 160 17.39 -19.01 17.97
CA SER A 160 17.47 -17.77 17.26
C SER A 160 18.90 -17.47 16.88
N LEU A 161 19.82 -17.66 17.80
CA LEU A 161 21.21 -17.38 17.55
C LEU A 161 21.77 -18.28 16.51
N ALA A 162 21.37 -19.53 16.55
CA ALA A 162 21.88 -20.49 15.63
C ALA A 162 21.50 -20.07 14.25
N ALA A 163 20.26 -19.65 14.09
CA ALA A 163 19.80 -19.17 12.81
C ALA A 163 20.51 -17.91 12.40
N ILE A 164 20.64 -16.98 13.33
CA ILE A 164 21.21 -15.72 13.01
C ILE A 164 22.64 -15.90 12.59
N LEU A 165 23.40 -16.72 13.33
CA LEU A 165 24.79 -16.90 12.99
C LEU A 165 24.94 -17.58 11.66
N GLU A 166 24.11 -18.57 11.43
CA GLU A 166 24.14 -19.28 10.18
C GLU A 166 23.72 -18.53 8.93
N HIS A 167 22.66 -17.74 9.00
CA HIS A 167 22.14 -17.14 7.79
C HIS A 167 22.30 -15.66 7.73
N SER A 168 22.76 -15.10 8.83
CA SER A 168 22.94 -13.69 8.95
C SER A 168 24.21 -13.25 8.31
N LEU A 169 24.35 -11.95 8.21
CA LEU A 169 25.59 -11.33 7.86
C LEU A 169 26.62 -11.65 8.92
N PHE A 170 26.18 -11.73 10.16
CA PHE A 170 27.08 -11.90 11.28
C PHE A 170 27.30 -13.34 11.68
N SER A 171 28.43 -13.89 11.27
CA SER A 171 28.81 -15.29 11.46
C SER A 171 29.09 -15.71 12.87
N THR A 172 29.44 -14.77 13.72
CA THR A 172 29.95 -15.08 15.03
C THR A 172 29.27 -14.26 16.06
N GLU A 173 29.29 -14.73 17.29
CA GLU A 173 28.72 -14.01 18.37
C GLU A 173 29.47 -12.73 18.46
N GLN A 174 30.76 -12.80 18.22
CA GLN A 174 31.60 -11.63 18.37
C GLN A 174 31.14 -10.59 17.39
N LYS A 175 30.80 -11.01 16.18
CA LYS A 175 30.35 -10.07 15.16
C LYS A 175 29.08 -9.35 15.54
N LEU A 176 28.15 -10.06 16.15
CA LEU A 176 26.89 -9.48 16.55
C LEU A 176 27.02 -8.40 17.58
N LEU A 177 27.81 -8.66 18.59
CA LEU A 177 27.89 -7.75 19.72
C LEU A 177 28.63 -6.47 19.40
N ALA A 178 29.38 -6.51 18.32
CA ALA A 178 30.03 -5.32 17.85
C ALA A 178 29.02 -4.27 17.51
N GLU A 179 27.94 -4.67 16.85
CA GLU A 179 26.84 -3.79 16.49
C GLU A 179 26.08 -3.30 17.69
N LEU A 180 25.91 -4.16 18.67
CA LEU A 180 25.30 -3.74 19.91
C LEU A 180 26.16 -2.66 20.50
N ASN A 181 27.46 -2.82 20.37
CA ASN A 181 28.42 -1.85 20.85
C ASN A 181 28.42 -0.51 20.13
N ALA A 182 28.01 -0.51 18.88
CA ALA A 182 27.92 0.70 18.09
C ALA A 182 26.83 1.62 18.59
N ILE A 183 26.01 1.13 19.50
CA ILE A 183 25.11 2.01 20.20
C ILE A 183 25.88 2.38 21.44
N MET A 184 26.45 3.57 21.40
CA MET A 184 27.37 4.03 22.40
C MET A 184 26.76 4.15 23.76
N GLY A 185 25.52 4.62 23.78
CA GLY A 185 24.79 4.86 25.00
C GLY A 185 24.29 3.60 25.62
N LYS A 186 23.74 3.75 26.82
CA LYS A 186 23.10 2.66 27.52
C LYS A 186 21.91 2.17 26.73
N LYS A 187 21.21 3.12 26.12
CA LYS A 187 19.99 2.87 25.40
C LYS A 187 20.13 3.24 23.95
N GLY A 188 19.44 2.53 23.08
CA GLY A 188 19.39 2.90 21.68
C GLY A 188 19.21 1.74 20.76
N THR A 189 19.16 2.02 19.47
CA THR A 189 18.87 1.02 18.47
C THR A 189 19.66 1.18 17.20
N ARG A 190 20.04 0.07 16.61
CA ARG A 190 20.73 0.08 15.35
C ARG A 190 20.04 -0.86 14.39
N ILE A 191 19.66 -0.40 13.21
CA ILE A 191 19.02 -1.26 12.24
C ILE A 191 19.93 -1.40 11.06
N ILE A 192 20.16 -2.63 10.65
CA ILE A 192 21.03 -2.88 9.53
C ILE A 192 20.29 -3.58 8.40
N ILE A 193 20.38 -3.01 7.20
CA ILE A 193 19.72 -3.58 6.07
C ILE A 193 20.65 -3.88 4.93
N TRP A 194 20.59 -5.08 4.41
CA TRP A 194 21.45 -5.51 3.34
C TRP A 194 20.70 -6.23 2.24
N ASN A 195 21.38 -6.51 1.15
CA ASN A 195 20.73 -7.10 0.01
C ASN A 195 19.78 -6.05 -0.55
N LEU A 196 20.34 -4.91 -0.84
CA LEU A 196 19.64 -3.77 -1.35
C LEU A 196 19.23 -3.98 -2.78
N ARG A 197 18.23 -3.22 -3.21
CA ARG A 197 17.73 -3.35 -4.53
C ARG A 197 18.82 -2.93 -5.44
N SER A 198 19.04 -3.72 -6.47
CA SER A 198 20.11 -3.42 -7.37
C SER A 198 19.58 -3.34 -8.78
N TYR A 199 19.95 -2.29 -9.49
CA TYR A 199 19.64 -2.22 -10.90
C TYR A 199 20.91 -2.00 -11.71
N LYS A 200 21.04 -2.78 -12.77
CA LYS A 200 22.28 -2.80 -13.54
C LYS A 200 23.44 -3.27 -12.69
N ASN A 201 23.15 -4.21 -11.80
CA ASN A 201 24.17 -4.78 -10.93
C ASN A 201 24.83 -3.75 -10.06
N ALA A 202 24.05 -2.77 -9.61
CA ALA A 202 24.54 -1.77 -8.70
C ALA A 202 23.34 -1.37 -7.89
N THR A 203 23.57 -0.70 -6.79
CA THR A 203 22.47 -0.29 -5.95
C THR A 203 21.61 0.78 -6.56
N GLU A 204 20.36 0.76 -6.15
CA GLU A 204 19.37 1.69 -6.59
C GLU A 204 19.82 3.06 -6.15
N PHE A 205 20.43 3.12 -5.00
CA PHE A 205 21.03 4.34 -4.51
C PHE A 205 22.39 4.61 -5.09
N ASP A 206 22.74 5.88 -5.20
CA ASP A 206 24.06 6.26 -5.61
C ASP A 206 24.77 6.88 -4.43
N PHE A 207 25.84 6.26 -3.99
CA PHE A 207 26.61 6.80 -2.90
C PHE A 207 27.84 7.54 -3.37
N GLU A 208 28.24 7.29 -4.60
CA GLU A 208 29.45 7.87 -5.15
C GLU A 208 29.46 9.39 -5.35
N LYS A 209 28.36 9.94 -5.83
CA LYS A 209 28.35 11.32 -6.26
C LYS A 209 28.61 12.32 -5.18
N ASP A 210 28.00 12.14 -4.03
CA ASP A 210 28.27 12.97 -2.90
C ASP A 210 28.42 11.98 -1.79
N LYS A 211 29.53 12.03 -1.07
CA LYS A 211 29.77 11.04 -0.04
C LYS A 211 29.09 11.43 1.23
N TYR A 212 28.55 12.64 1.26
CA TYR A 212 27.83 13.10 2.41
C TYR A 212 26.32 12.97 2.22
N ASP A 213 25.91 12.35 1.13
CA ASP A 213 24.49 12.19 0.85
C ASP A 213 24.16 10.83 0.36
N ILE A 214 22.89 10.46 0.51
CA ILE A 214 22.37 9.31 -0.17
C ILE A 214 21.44 9.82 -1.23
N ARG A 215 21.60 9.33 -2.43
CA ARG A 215 21.00 9.95 -3.57
C ARG A 215 20.37 8.97 -4.50
N ILE A 216 19.50 9.49 -5.34
CA ILE A 216 18.94 8.70 -6.39
C ILE A 216 19.61 9.09 -7.68
N PRO A 217 20.07 8.00 -8.41
CA PRO A 217 20.91 8.36 -9.55
C PRO A 217 20.20 9.08 -10.65
N GLU A 218 20.94 9.83 -11.43
CA GLU A 218 20.47 10.26 -12.74
C GLU A 218 20.35 8.94 -13.48
N ASP A 219 19.41 8.82 -14.41
CA ASP A 219 19.48 7.65 -15.26
C ASP A 219 19.29 7.99 -16.73
N TYR A 229 16.67 13.26 -11.62
CA TYR A 229 15.56 12.38 -11.26
C TYR A 229 14.44 13.18 -10.63
N LYS A 230 13.21 12.80 -10.98
CA LYS A 230 12.01 13.43 -10.44
C LYS A 230 11.02 12.40 -10.00
N LYS A 231 10.11 12.78 -9.13
CA LYS A 231 9.02 11.92 -8.69
C LYS A 231 7.95 11.81 -9.78
N GLN A 232 7.00 10.89 -9.64
CA GLN A 232 5.99 10.69 -10.67
C GLN A 232 5.29 12.00 -10.85
N GLU A 233 5.00 12.67 -9.75
CA GLU A 233 4.70 14.08 -9.75
C GLU A 233 3.30 14.42 -10.16
N ILE A 238 11.69 20.64 -13.71
CA ILE A 238 12.95 20.51 -12.99
C ILE A 238 12.70 20.10 -11.55
N ALA A 239 13.29 18.99 -11.15
CA ALA A 239 13.03 18.42 -9.84
C ALA A 239 13.60 19.21 -8.68
N PRO A 240 12.77 19.28 -7.57
CA PRO A 240 13.40 19.92 -6.41
C PRO A 240 14.36 18.95 -5.78
N GLU A 241 15.25 19.47 -4.95
CA GLU A 241 16.35 18.71 -4.42
C GLU A 241 15.88 17.54 -3.59
N SER A 242 14.80 17.75 -2.85
CA SER A 242 14.31 16.77 -1.93
C SER A 242 13.89 15.50 -2.62
N ASP A 243 13.59 15.60 -3.89
CA ASP A 243 13.27 14.43 -4.65
C ASP A 243 14.43 13.48 -4.75
N TYR A 244 15.63 13.98 -4.97
CA TYR A 244 16.77 13.11 -5.20
C TYR A 244 17.85 13.10 -4.13
N SER A 245 17.78 13.98 -3.14
CA SER A 245 18.75 13.98 -2.08
C SER A 245 18.12 13.72 -0.74
N LEU A 246 18.58 12.71 -0.06
CA LEU A 246 18.05 12.39 1.23
C LEU A 246 18.28 13.53 2.17
N ARG A 247 19.42 14.18 2.02
CA ARG A 247 19.74 15.30 2.88
C ARG A 247 18.77 16.46 2.69
N ALA A 248 18.49 16.79 1.46
CA ALA A 248 17.56 17.86 1.21
C ALA A 248 16.21 17.50 1.74
N TYR A 249 15.82 16.25 1.55
CA TYR A 249 14.56 15.77 2.03
C TYR A 249 14.41 15.80 3.51
N CYS A 250 15.45 15.41 4.22
CA CYS A 250 15.40 15.36 5.66
C CYS A 250 15.22 16.72 6.27
N SER A 251 15.72 17.74 5.60
CA SER A 251 15.61 19.08 6.12
C SER A 251 14.17 19.50 6.28
N ILE A 252 13.35 19.17 5.29
CA ILE A 252 11.98 19.59 5.30
C ILE A 252 11.05 18.58 5.89
N LEU A 253 11.60 17.46 6.34
CA LEU A 253 10.79 16.38 6.82
C LEU A 253 9.97 16.72 8.01
N TYR A 254 10.49 17.51 8.92
CA TYR A 254 9.73 17.88 10.10
C TYR A 254 9.52 19.36 10.21
N LEU A 255 8.30 19.78 10.48
CA LEU A 255 7.97 21.19 10.58
C LEU A 255 8.65 21.88 11.75
N LYS A 256 8.63 21.22 12.89
CA LYS A 256 9.16 21.75 14.11
C LYS A 256 10.06 20.69 14.68
N PRO A 257 11.29 20.66 14.24
CA PRO A 257 12.14 19.52 14.50
C PRO A 257 12.37 19.24 15.97
N ARG A 258 12.38 17.97 16.31
CA ARG A 258 12.67 17.55 17.64
C ARG A 258 13.84 16.62 17.69
N MET A 259 14.44 16.32 16.56
CA MET A 259 15.49 15.34 16.51
C MET A 259 16.49 15.78 15.49
N GLN A 260 17.71 15.30 15.63
CA GLN A 260 18.76 15.73 14.75
C GLN A 260 19.14 14.58 13.88
N ILE A 261 19.23 14.81 12.59
CA ILE A 261 19.49 13.73 11.67
C ILE A 261 20.87 13.87 11.11
N ILE A 262 21.62 12.79 11.15
CA ILE A 262 22.94 12.82 10.62
C ILE A 262 23.00 11.85 9.48
N ILE A 263 23.38 12.32 8.31
CA ILE A 263 23.51 11.46 7.16
C ILE A 263 24.95 11.41 6.75
N ARG A 264 25.49 10.21 6.71
CA ARG A 264 26.83 9.99 6.25
C ARG A 264 27.77 10.74 7.17
N GLY A 265 27.32 10.94 8.39
CA GLY A 265 28.13 11.59 9.39
C GLY A 265 28.05 13.08 9.44
N GLN A 266 27.41 13.69 8.47
CA GLN A 266 27.23 15.13 8.49
C GLN A 266 25.80 15.43 8.83
N LYS A 267 25.61 16.23 9.85
CA LYS A 267 24.32 16.49 10.40
C LYS A 267 23.54 17.26 9.39
N VAL A 268 22.23 17.24 9.52
CA VAL A 268 21.36 17.84 8.55
C VAL A 268 20.84 19.13 9.08
N LYS A 269 21.02 20.19 8.31
CA LYS A 269 20.64 21.50 8.72
C LYS A 269 19.20 21.78 8.31
N THR A 270 18.34 21.96 9.29
CA THR A 270 16.94 22.17 8.99
C THR A 270 16.66 23.55 8.47
N GLN A 271 15.73 23.63 7.53
CA GLN A 271 15.30 24.88 6.97
C GLN A 271 14.41 25.62 7.93
N LEU A 272 14.32 26.93 7.78
CA LEU A 272 13.38 27.71 8.55
C LEU A 272 12.57 28.58 7.62
N VAL A 273 11.30 28.76 7.93
CA VAL A 273 10.42 29.40 6.99
C VAL A 273 10.95 30.77 6.78
N SER A 274 11.29 31.44 7.87
CA SER A 274 11.93 32.72 7.79
C SER A 274 13.27 32.36 7.22
N LYS A 275 13.77 33.17 6.32
CA LYS A 275 15.05 32.92 5.69
C LYS A 275 14.90 31.92 4.58
N SER A 276 13.69 31.45 4.37
CA SER A 276 13.43 30.65 3.20
C SER A 276 12.39 31.28 2.30
N LEU A 277 11.55 32.12 2.88
CA LEU A 277 10.42 32.70 2.18
C LEU A 277 10.30 34.19 2.46
N ALA A 278 9.72 34.91 1.53
CA ALA A 278 9.59 36.34 1.71
C ALA A 278 8.15 36.76 1.51
N TYR A 279 7.78 37.90 2.08
CA TYR A 279 6.40 38.34 1.95
C TYR A 279 5.47 37.37 2.61
N ILE A 280 5.90 36.85 3.74
CA ILE A 280 5.12 35.89 4.46
C ILE A 280 3.82 36.50 4.93
N GLU A 281 2.74 35.76 4.76
CA GLU A 281 1.45 36.16 5.26
C GLU A 281 0.75 34.96 5.85
N ARG A 282 -0.12 35.19 6.81
CA ARG A 282 -0.86 34.12 7.46
C ARG A 282 -2.25 34.02 6.89
N ASP A 283 -2.88 32.87 7.04
CA ASP A 283 -4.25 32.66 6.59
C ASP A 283 -4.89 31.58 7.41
N VAL A 284 -6.21 31.48 7.34
CA VAL A 284 -6.90 30.51 8.14
C VAL A 284 -7.87 29.68 7.36
N TYR A 285 -8.02 28.44 7.76
CA TYR A 285 -8.97 27.53 7.17
C TYR A 285 -9.92 27.14 8.25
N ARG A 286 -11.21 27.33 8.00
CA ARG A 286 -12.22 27.12 9.01
C ARG A 286 -13.30 26.25 8.43
N PRO A 287 -12.95 24.90 8.28
CA PRO A 287 -13.97 24.10 7.60
C PRO A 287 -15.15 23.85 8.48
N LYS A 288 -16.27 23.55 7.85
CA LYS A 288 -17.50 23.23 8.53
C LYS A 288 -17.30 22.00 9.37
N PHE A 289 -16.54 21.07 8.83
CA PHE A 289 -16.35 19.79 9.48
C PHE A 289 -15.42 19.82 10.67
N LEU A 290 -14.78 20.93 10.92
CA LEU A 290 -13.79 20.99 11.98
C LEU A 290 -14.13 21.93 13.10
N THR A 291 -13.87 21.47 14.31
CA THR A 291 -14.02 22.25 15.52
C THR A 291 -13.09 23.44 15.57
N ARG A 292 -11.89 23.26 15.06
CA ARG A 292 -10.80 24.17 15.30
C ARG A 292 -10.33 24.76 14.01
N THR A 293 -9.71 25.93 14.09
CA THR A 293 -9.11 26.57 12.94
C THR A 293 -7.78 25.93 12.59
N VAL A 294 -7.36 26.08 11.35
CA VAL A 294 -6.05 25.63 10.91
C VAL A 294 -5.31 26.76 10.25
N ARG A 295 -4.13 27.09 10.75
CA ARG A 295 -3.35 28.16 10.17
C ARG A 295 -2.69 27.78 8.88
N ILE A 296 -2.44 28.75 8.04
CA ILE A 296 -1.65 28.52 6.86
C ILE A 296 -0.64 29.62 6.75
N THR A 297 0.52 29.30 6.20
CA THR A 297 1.53 30.29 6.01
C THR A 297 1.82 30.34 4.55
N PHE A 298 1.83 31.53 3.99
CA PHE A 298 2.08 31.68 2.57
C PHE A 298 3.33 32.49 2.40
N GLY A 299 4.17 32.06 1.48
CA GLY A 299 5.39 32.75 1.21
C GLY A 299 5.79 32.70 -0.22
N PHE A 300 6.69 33.58 -0.62
CA PHE A 300 7.27 33.56 -1.93
C PHE A 300 8.61 32.91 -1.77
N ASN A 301 8.99 32.03 -2.69
CA ASN A 301 10.17 31.23 -2.49
C ASN A 301 11.48 31.91 -2.89
N CYS A 302 12.31 32.18 -1.91
CA CYS A 302 13.59 32.83 -2.14
C CYS A 302 14.65 32.05 -2.90
N ARG A 303 14.88 30.80 -2.49
CA ARG A 303 16.06 30.10 -2.94
C ARG A 303 16.08 29.81 -4.42
N ASN A 304 14.97 29.32 -4.93
CA ASN A 304 14.94 28.96 -6.33
C ASN A 304 13.92 29.77 -7.09
N LYS A 305 12.73 29.21 -7.23
CA LYS A 305 11.67 29.82 -7.99
C LYS A 305 10.79 28.67 -8.34
N ASP A 306 11.36 27.74 -9.08
CA ASP A 306 10.65 26.64 -9.68
C ASP A 306 9.97 25.77 -8.66
N HIS A 307 10.46 25.79 -7.44
CA HIS A 307 9.88 24.93 -6.42
C HIS A 307 8.89 25.64 -5.54
N TYR A 308 7.62 25.31 -5.71
CA TYR A 308 6.58 25.99 -4.99
C TYR A 308 5.34 25.12 -4.91
N GLY A 309 4.42 25.46 -4.03
CA GLY A 309 3.28 24.66 -3.82
C GLY A 309 3.03 24.66 -2.37
N ILE A 310 2.24 23.70 -1.96
CA ILE A 310 1.84 23.61 -0.61
C ILE A 310 2.66 22.56 0.01
N MET A 311 3.03 22.78 1.25
CA MET A 311 3.65 21.75 2.00
C MET A 311 2.63 21.28 2.97
N MET A 312 2.31 20.01 2.90
CA MET A 312 1.28 19.49 3.75
C MET A 312 1.90 18.62 4.79
N TYR A 313 1.70 18.96 6.05
CA TYR A 313 2.31 18.26 7.14
C TYR A 313 1.23 17.60 7.93
N HIS A 314 1.50 16.42 8.43
CA HIS A 314 0.55 15.76 9.29
C HIS A 314 1.28 15.32 10.53
N LYS A 315 0.80 15.75 11.68
CA LYS A 315 1.39 15.36 12.93
C LYS A 315 2.86 15.72 12.92
N ASN A 316 3.14 16.86 12.31
CA ASN A 316 4.46 17.44 12.28
C ASN A 316 5.36 16.85 11.23
N ARG A 317 4.86 15.93 10.44
CA ARG A 317 5.66 15.25 9.45
C ARG A 317 5.17 15.57 8.08
N LEU A 318 6.04 15.46 7.10
CA LEU A 318 5.71 15.91 5.78
C LEU A 318 5.18 14.79 4.94
N ILE A 319 3.99 15.01 4.41
CA ILE A 319 3.30 14.02 3.61
C ILE A 319 3.46 14.32 2.15
N LYS A 320 3.15 15.54 1.76
CA LYS A 320 3.19 15.92 0.37
C LYS A 320 3.93 17.22 0.29
N ALA A 321 4.68 17.43 -0.77
CA ALA A 321 5.35 18.69 -0.96
C ALA A 321 5.16 19.24 -2.34
N TYR A 322 5.16 20.56 -2.44
CA TYR A 322 5.10 21.21 -3.72
C TYR A 322 3.87 20.83 -4.50
N GLU A 323 2.76 20.67 -3.81
CA GLU A 323 1.54 20.34 -4.48
C GLU A 323 0.94 21.63 -4.98
N LYS A 324 0.66 21.67 -6.28
CA LYS A 324 0.10 22.85 -6.91
C LYS A 324 -1.38 23.01 -6.64
N VAL A 325 -1.82 24.23 -6.44
CA VAL A 325 -3.21 24.46 -6.13
C VAL A 325 -3.68 25.74 -6.77
N GLY A 326 -4.99 25.92 -6.85
CA GLY A 326 -5.53 27.11 -7.46
C GLY A 326 -5.07 27.18 -8.88
N CYS A 327 -4.44 28.28 -9.27
CA CYS A 327 -3.77 28.30 -10.54
C CYS A 327 -2.66 27.29 -10.41
N GLN A 328 -2.54 26.42 -11.39
CA GLN A 328 -1.57 25.36 -11.31
C GLN A 328 -0.20 25.98 -11.41
N ASN A 333 3.79 29.72 -15.66
CA ASN A 333 2.59 30.36 -16.15
C ASN A 333 2.11 31.46 -15.21
N MET A 334 1.05 31.20 -14.46
CA MET A 334 0.52 32.20 -13.55
C MET A 334 0.46 31.63 -12.14
N GLY A 335 0.93 32.41 -11.17
CA GLY A 335 1.00 31.94 -9.80
C GLY A 335 2.26 31.13 -9.72
N VAL A 336 3.29 31.63 -9.04
CA VAL A 336 4.55 30.92 -9.05
C VAL A 336 5.45 31.24 -7.88
N GLY A 337 6.36 30.35 -7.56
CA GLY A 337 7.34 30.63 -6.55
C GLY A 337 6.66 30.84 -5.23
N VAL A 338 5.46 30.31 -5.12
CA VAL A 338 4.60 30.55 -3.99
C VAL A 338 4.48 29.28 -3.20
N VAL A 339 4.63 29.39 -1.90
CA VAL A 339 4.65 28.22 -1.09
C VAL A 339 3.64 28.37 0.00
N GLY A 340 3.02 27.28 0.36
CA GLY A 340 2.12 27.30 1.47
C GLY A 340 2.51 26.21 2.41
N ILE A 341 2.35 26.45 3.69
CA ILE A 341 2.60 25.42 4.65
C ILE A 341 1.36 25.21 5.43
N ILE A 342 0.89 23.98 5.48
CA ILE A 342 -0.23 23.67 6.31
C ILE A 342 -0.03 22.34 6.98
N GLU A 343 -0.61 22.17 8.14
CA GLU A 343 -0.58 20.91 8.82
C GLU A 343 -2.01 20.43 8.94
N CYS A 344 -2.30 19.25 8.43
CA CYS A 344 -3.64 18.70 8.54
C CYS A 344 -3.68 17.42 9.33
N ASN A 345 -4.06 17.49 10.59
CA ASN A 345 -4.06 16.32 11.43
C ASN A 345 -5.38 15.60 11.33
N PHE A 346 -6.30 16.19 10.60
CA PHE A 346 -7.62 15.62 10.43
C PHE A 346 -7.71 14.73 9.24
N LEU A 347 -6.74 14.83 8.35
CA LEU A 347 -6.65 13.94 7.21
C LEU A 347 -6.02 12.65 7.60
N LYS A 348 -6.08 11.68 6.72
CA LYS A 348 -5.50 10.40 6.99
C LYS A 348 -4.46 10.04 5.96
N PRO A 349 -3.24 9.59 6.49
CA PRO A 349 -2.24 9.28 5.48
C PRO A 349 -2.43 7.94 4.87
N THR A 350 -1.90 7.76 3.68
CA THR A 350 -2.05 6.53 2.95
C THR A 350 -1.03 5.53 3.40
N HIS A 351 -0.98 4.41 2.73
CA HIS A 351 -0.19 3.29 3.17
C HIS A 351 1.27 3.67 3.27
N ASN A 352 1.75 4.48 2.36
CA ASN A 352 3.13 4.89 2.38
C ASN A 352 3.38 6.26 2.98
N LYS A 353 2.34 6.88 3.49
CA LYS A 353 2.47 8.15 4.14
C LYS A 353 3.07 9.16 3.21
N GLN A 354 2.76 9.06 1.94
CA GLN A 354 3.13 10.08 1.00
C GLN A 354 1.94 10.78 0.41
N ASP A 355 0.77 10.45 0.88
CA ASP A 355 -0.44 11.10 0.42
C ASP A 355 -1.46 10.93 1.47
N PHE A 356 -2.58 11.61 1.33
CA PHE A 356 -3.70 11.42 2.21
C PHE A 356 -4.79 10.65 1.50
N ASP A 357 -5.68 10.04 2.25
CA ASP A 357 -6.82 9.38 1.67
C ASP A 357 -7.67 10.38 0.92
N TYR A 358 -8.10 10.00 -0.26
CA TYR A 358 -8.76 10.93 -1.14
C TYR A 358 -10.22 11.02 -0.76
N THR A 359 -10.47 11.63 0.38
CA THR A 359 -11.79 11.81 0.90
C THR A 359 -12.39 13.12 0.51
N ASN A 360 -13.64 13.31 0.88
CA ASN A 360 -14.35 14.53 0.58
C ASN A 360 -13.66 15.67 1.27
N GLU A 361 -13.26 15.44 2.51
CA GLU A 361 -12.58 16.43 3.30
C GLU A 361 -11.25 16.81 2.68
N TYR A 362 -10.56 15.83 2.13
CA TYR A 362 -9.30 16.13 1.49
C TYR A 362 -9.56 17.02 0.31
N ARG A 363 -10.59 16.72 -0.42
CA ARG A 363 -10.90 17.46 -1.62
C ARG A 363 -11.23 18.89 -1.26
N LEU A 364 -11.97 19.06 -0.19
CA LEU A 364 -12.34 20.39 0.23
C LEU A 364 -11.12 21.20 0.62
N THR A 365 -10.21 20.54 1.31
CA THR A 365 -9.05 21.23 1.78
C THR A 365 -8.22 21.71 0.63
N ILE A 366 -8.11 20.89 -0.40
CA ILE A 366 -7.36 21.28 -1.57
C ILE A 366 -8.02 22.47 -2.20
N LEU A 367 -9.33 22.46 -2.24
CA LEU A 367 -10.04 23.53 -2.87
C LEU A 367 -9.83 24.81 -2.13
N ALA A 368 -9.92 24.74 -0.82
CA ALA A 368 -9.75 25.92 -0.02
C ALA A 368 -8.35 26.45 -0.19
N LEU A 369 -7.39 25.56 -0.26
CA LEU A 369 -6.02 25.96 -0.34
C LEU A 369 -5.81 26.76 -1.58
N GLY A 370 -6.39 26.31 -2.67
CA GLY A 370 -6.24 27.00 -3.92
C GLY A 370 -6.83 28.38 -3.90
N GLU A 371 -8.02 28.52 -3.35
CA GLU A 371 -8.67 29.80 -3.33
C GLU A 371 -7.80 30.73 -2.54
N LYS A 372 -7.35 30.27 -1.40
CA LYS A 372 -6.56 31.09 -0.53
C LYS A 372 -5.26 31.48 -1.17
N LEU A 373 -4.63 30.54 -1.84
CA LEU A 373 -3.38 30.82 -2.49
C LEU A 373 -3.58 31.86 -3.55
N ASN A 374 -4.68 31.75 -4.27
CA ASN A 374 -4.94 32.67 -5.33
C ASN A 374 -5.05 34.06 -4.76
N ASP A 375 -5.71 34.17 -3.62
CA ASP A 375 -5.90 35.46 -3.02
C ASP A 375 -4.53 36.00 -2.73
N TYR A 376 -3.67 35.13 -2.24
CA TYR A 376 -2.37 35.60 -1.80
C TYR A 376 -1.64 36.18 -2.99
N TRP A 377 -1.73 35.49 -4.12
CA TRP A 377 -1.02 35.95 -5.29
C TRP A 377 -1.51 37.27 -5.77
N ASN A 378 -2.81 37.43 -5.84
CA ASN A 378 -3.36 38.62 -6.43
C ASN A 378 -2.92 39.78 -5.60
N GLU A 379 -2.98 39.57 -4.34
CA GLU A 379 -2.68 40.57 -3.35
C GLU A 379 -1.23 40.96 -3.40
N MET A 380 -0.36 40.00 -3.58
CA MET A 380 1.07 40.21 -3.38
C MET A 380 1.87 40.69 -4.59
N LYS A 381 1.23 40.85 -5.72
CA LYS A 381 1.90 41.47 -6.84
C LYS A 381 1.07 42.61 -7.42
N LYS A 399 29.37 25.48 2.37
CA LYS A 399 29.79 25.75 3.73
C LYS A 399 29.33 24.66 4.69
N ARG A 400 29.79 23.45 4.44
CA ARG A 400 29.44 22.29 5.25
C ARG A 400 30.10 22.35 6.61
N PRO A 401 29.54 21.68 7.59
CA PRO A 401 30.15 21.68 8.92
C PRO A 401 31.43 20.89 8.90
N ASP A 402 32.31 21.16 9.84
CA ASP A 402 33.60 20.51 9.91
C ASP A 402 33.58 19.09 10.38
N GLN A 403 34.41 18.28 9.79
CA GLN A 403 34.56 16.91 10.23
C GLN A 403 35.31 16.83 11.52
N THR A 404 35.11 15.78 12.26
CA THR A 404 35.80 15.59 13.50
C THR A 404 36.42 14.23 13.46
N TRP A 405 37.62 14.10 14.01
CA TRP A 405 38.26 12.81 14.13
C TRP A 405 38.74 12.57 15.53
N VAL A 406 38.93 11.31 15.85
CA VAL A 406 39.56 10.95 17.09
C VAL A 406 40.79 10.17 16.76
N GLN A 407 41.79 10.29 17.61
CA GLN A 407 42.99 9.53 17.41
C GLN A 407 42.88 8.32 18.26
N CYS A 408 43.23 7.19 17.69
CA CYS A 408 43.30 5.95 18.43
C CYS A 408 44.50 5.95 19.35
N ASP A 409 44.24 5.55 20.58
CA ASP A 409 45.22 5.44 21.61
C ASP A 409 46.20 4.29 21.39
N ALA A 410 45.82 3.31 20.60
CA ALA A 410 46.72 2.21 20.30
C ALA A 410 47.14 2.00 18.85
N CYS A 411 46.90 2.95 17.97
CA CYS A 411 47.57 3.02 16.67
C CYS A 411 48.25 4.35 16.51
N LEU A 412 47.61 5.32 17.12
CA LEU A 412 47.86 6.72 16.91
C LEU A 412 47.21 7.18 15.62
N LYS A 413 46.47 6.28 14.99
CA LYS A 413 45.76 6.55 13.76
C LYS A 413 44.58 7.45 14.02
N TRP A 414 44.23 8.26 13.04
CA TRP A 414 43.09 9.14 13.18
C TRP A 414 41.89 8.52 12.47
N ARG A 415 40.79 8.39 13.18
CA ARG A 415 39.61 7.81 12.60
C ARG A 415 38.48 8.81 12.63
N LYS A 416 37.74 8.86 11.53
CA LYS A 416 36.63 9.80 11.34
C LYS A 416 35.48 9.59 12.28
N LEU A 417 34.83 10.68 12.66
CA LEU A 417 33.71 10.62 13.56
C LEU A 417 32.51 11.33 12.98
N PRO A 418 31.33 10.81 13.25
CA PRO A 418 30.10 11.44 12.81
C PRO A 418 29.69 12.55 13.73
N ASP A 419 28.94 13.53 13.24
CA ASP A 419 28.53 14.64 14.05
C ASP A 419 27.50 14.19 15.05
N GLY A 420 27.24 15.02 16.03
CA GLY A 420 26.18 14.77 16.97
C GLY A 420 26.53 13.99 18.19
N ILE A 421 27.80 13.63 18.34
CA ILE A 421 28.21 12.93 19.52
C ILE A 421 28.51 13.92 20.62
N ASP A 422 27.73 13.87 21.68
CA ASP A 422 27.94 14.70 22.85
C ASP A 422 29.18 14.36 23.68
N GLN A 423 29.42 13.08 23.91
CA GLN A 423 30.49 12.66 24.79
C GLN A 423 31.36 11.55 24.26
N LEU A 424 32.66 11.69 24.40
CA LEU A 424 33.55 10.61 24.07
C LEU A 424 34.11 10.03 25.32
N PRO A 425 34.52 8.69 25.22
CA PRO A 425 35.08 8.16 26.46
C PRO A 425 36.48 8.73 26.63
N GLU A 426 37.08 8.60 27.81
CA GLU A 426 38.37 9.23 28.05
C GLU A 426 39.44 8.73 27.09
N LYS A 427 39.45 7.45 26.82
CA LYS A 427 40.39 6.93 25.83
C LYS A 427 39.64 6.08 24.82
N TRP A 428 39.99 6.24 23.55
CA TRP A 428 39.26 5.66 22.44
C TRP A 428 40.16 4.82 21.54
N TYR A 429 39.72 3.61 21.23
CA TYR A 429 40.54 2.65 20.50
C TYR A 429 39.82 2.19 19.24
N CYS A 430 40.56 1.81 18.20
CA CYS A 430 39.90 1.40 16.96
C CYS A 430 38.88 0.28 17.17
N SER A 431 39.09 -0.51 18.21
CA SER A 431 38.28 -1.66 18.50
C SER A 431 36.86 -1.31 18.83
N ASN A 432 36.69 -0.15 19.42
CA ASN A 432 35.38 0.27 19.83
C ASN A 432 34.77 1.17 18.79
N ASN A 433 35.33 1.20 17.60
CA ASN A 433 34.77 2.07 16.56
C ASN A 433 33.40 1.62 16.11
N PRO A 434 32.44 2.64 16.15
CA PRO A 434 31.14 2.25 15.59
C PRO A 434 31.21 1.92 14.12
N ASP A 435 31.95 2.70 13.35
CA ASP A 435 31.98 2.47 11.93
C ASP A 435 32.55 1.11 11.73
N PRO A 436 31.82 0.27 11.04
CA PRO A 436 32.25 -1.09 10.81
C PRO A 436 33.53 -1.17 10.02
N GLN A 437 33.80 -0.17 9.22
CA GLN A 437 34.93 -0.26 8.31
C GLN A 437 36.30 0.16 8.88
N PHE A 438 36.32 0.76 10.06
CA PHE A 438 37.57 1.05 10.74
C PHE A 438 37.48 0.62 12.17
N ARG A 439 37.36 -0.68 12.37
CA ARG A 439 37.30 -1.23 13.70
C ARG A 439 38.59 -1.99 14.02
N ASN A 440 39.54 -1.90 13.12
CA ASN A 440 40.79 -2.59 13.23
C ASN A 440 41.96 -1.64 13.22
N CYS A 441 42.83 -1.77 14.21
CA CYS A 441 44.02 -0.93 14.31
C CYS A 441 44.83 -1.02 13.02
N GLU A 442 44.74 -2.16 12.37
CA GLU A 442 45.49 -2.39 11.17
C GLU A 442 44.82 -1.80 9.97
N VAL A 443 43.89 -0.88 10.18
CA VAL A 443 43.21 -0.30 9.05
C VAL A 443 43.76 1.05 8.73
N PRO A 444 44.21 1.13 7.42
CA PRO A 444 44.89 2.39 7.12
C PRO A 444 44.06 3.60 7.37
N GLU A 445 44.70 4.67 7.81
CA GLU A 445 44.02 5.92 8.06
C GLU A 445 43.45 6.48 6.78
N GLU A 446 42.26 7.04 6.89
CA GLU A 446 41.59 7.69 5.79
C GLU A 446 42.20 9.02 5.47
N PRO A 447 42.32 9.30 4.10
CA PRO A 447 42.82 10.65 3.83
C PRO A 447 41.80 11.66 4.22
N GLU A 448 42.21 12.86 4.61
CA GLU A 448 41.28 13.95 4.76
C GLU A 448 40.92 14.49 3.40
N ASP A 449 39.86 15.27 3.32
CA ASP A 449 39.33 15.74 2.06
C ASP A 449 40.23 16.69 1.32
N GLU A 450 40.37 16.45 0.03
CA GLU A 450 41.16 17.31 -0.82
C GLU A 450 40.45 18.64 -1.01
N GLY B 3 11.93 -23.26 18.10
CA GLY B 3 11.72 -22.44 19.28
C GLY B 3 11.64 -20.96 18.95
N ILE B 4 11.97 -20.63 17.73
CA ILE B 4 11.84 -19.28 17.22
C ILE B 4 10.39 -18.86 17.06
N ARG B 5 10.10 -17.60 17.34
CA ARG B 5 8.75 -17.11 17.31
C ARG B 5 8.19 -16.75 15.94
N LEU B 6 6.91 -17.02 15.76
CA LEU B 6 6.18 -16.60 14.58
C LEU B 6 5.88 -15.15 14.64
N SER B 7 5.96 -14.50 13.50
CA SER B 7 5.50 -13.13 13.40
C SER B 7 3.99 -13.13 13.53
N ALA B 8 3.46 -12.07 14.11
CA ALA B 8 2.08 -12.03 14.51
C ALA B 8 1.28 -10.96 13.79
N LEU B 9 -0.01 -11.21 13.65
CA LEU B 9 -0.93 -10.27 13.01
C LEU B 9 -1.91 -9.76 13.99
N CYS B 10 -2.00 -8.47 14.08
CA CYS B 10 -2.86 -7.82 15.01
C CYS B 10 -4.07 -7.41 14.22
N PRO B 11 -5.22 -7.37 14.86
CA PRO B 11 -6.47 -7.09 14.19
C PRO B 11 -6.42 -5.76 13.52
N LYS B 12 -5.74 -4.83 14.14
CA LYS B 12 -5.69 -3.49 13.65
C LYS B 12 -5.08 -3.46 12.28
N PHE B 13 -4.27 -4.45 11.98
CA PHE B 13 -3.60 -4.51 10.71
C PHE B 13 -4.59 -4.61 9.58
N LEU B 14 -5.75 -5.16 9.83
CA LEU B 14 -6.72 -5.36 8.79
C LEU B 14 -7.11 -4.05 8.16
N HIS B 15 -7.29 -3.03 8.98
CA HIS B 15 -7.49 -1.71 8.46
C HIS B 15 -6.27 -1.14 7.77
N THR B 16 -5.11 -1.41 8.31
CA THR B 16 -3.87 -0.89 7.79
C THR B 16 -3.61 -1.39 6.40
N ASN B 17 -3.89 -2.65 6.16
CA ASN B 17 -3.64 -3.24 4.88
C ASN B 17 -4.50 -2.64 3.80
N SER B 18 -5.56 -1.96 4.21
CA SER B 18 -6.50 -1.42 3.28
C SER B 18 -6.22 -0.01 2.86
N THR B 19 -5.14 0.55 3.35
CA THR B 19 -4.89 1.95 3.16
C THR B 19 -4.25 2.32 1.85
N SER B 20 -3.91 1.34 1.04
CA SER B 20 -3.46 1.52 -0.33
C SER B 20 -4.53 2.03 -1.26
N HIS B 21 -5.75 1.58 -1.03
CA HIS B 21 -6.85 1.88 -1.91
C HIS B 21 -7.46 3.19 -1.55
N THR B 22 -7.32 4.16 -2.43
CA THR B 22 -7.86 5.46 -2.21
C THR B 22 -9.09 5.68 -3.06
N TRP B 23 -9.21 4.84 -4.06
CA TRP B 23 -10.33 4.82 -4.95
C TRP B 23 -11.01 3.52 -4.69
N PRO B 24 -12.37 3.62 -4.37
CA PRO B 24 -12.95 2.36 -3.90
C PRO B 24 -12.91 1.27 -4.94
N PHE B 25 -12.96 1.65 -6.19
CA PHE B 25 -13.03 0.70 -7.26
C PHE B 25 -11.85 -0.22 -7.36
N SER B 26 -10.70 0.24 -6.93
CA SER B 26 -9.51 -0.58 -6.97
C SER B 26 -9.70 -1.81 -6.11
N ALA B 27 -10.34 -1.65 -4.98
CA ALA B 27 -10.68 -2.77 -4.15
C ALA B 27 -11.68 -3.74 -4.78
N VAL B 28 -12.68 -3.21 -5.46
CA VAL B 28 -13.67 -4.01 -6.12
C VAL B 28 -12.95 -4.79 -7.15
N ALA B 29 -12.03 -4.15 -7.81
CA ALA B 29 -11.34 -4.76 -8.91
C ALA B 29 -10.59 -5.98 -8.45
N GLU B 30 -10.04 -5.94 -7.25
CA GLU B 30 -9.32 -7.08 -6.75
C GLU B 30 -10.21 -8.28 -6.61
N LEU B 31 -11.41 -8.07 -6.10
CA LEU B 31 -12.34 -9.16 -5.96
C LEU B 31 -12.70 -9.73 -7.31
N ILE B 32 -12.87 -8.87 -8.30
CA ILE B 32 -13.14 -9.33 -9.63
C ILE B 32 -12.01 -10.15 -10.17
N ASP B 33 -10.78 -9.75 -9.92
CA ASP B 33 -9.63 -10.43 -10.48
C ASP B 33 -9.58 -11.83 -9.99
N ASN B 34 -9.84 -12.00 -8.72
CA ASN B 34 -9.75 -13.29 -8.11
C ASN B 34 -10.75 -14.26 -8.74
N ALA B 35 -11.94 -13.78 -9.04
CA ALA B 35 -12.89 -14.58 -9.82
C ALA B 35 -12.43 -14.84 -11.22
N TYR B 36 -11.85 -13.84 -11.85
CA TYR B 36 -11.34 -13.96 -13.19
C TYR B 36 -10.22 -14.96 -13.32
N ASP B 37 -9.39 -15.05 -12.30
CA ASP B 37 -8.14 -15.76 -12.41
C ASP B 37 -8.32 -17.22 -12.72
N PRO B 38 -7.28 -17.80 -13.47
CA PRO B 38 -7.59 -19.16 -13.93
C PRO B 38 -7.80 -20.23 -12.91
N ASP B 39 -7.32 -20.09 -11.69
CA ASP B 39 -7.60 -21.10 -10.69
C ASP B 39 -9.08 -21.19 -10.38
N VAL B 40 -9.76 -20.07 -10.24
CA VAL B 40 -11.21 -20.01 -10.16
C VAL B 40 -11.98 -20.26 -11.46
N ASN B 41 -11.59 -19.55 -12.50
CA ASN B 41 -12.12 -19.73 -13.82
C ASN B 41 -13.59 -19.42 -13.99
N ALA B 42 -14.11 -18.48 -13.22
CA ALA B 42 -15.50 -18.15 -13.31
C ALA B 42 -15.77 -17.60 -14.68
N LYS B 43 -16.83 -18.09 -15.30
CA LYS B 43 -17.44 -17.46 -16.45
C LYS B 43 -18.18 -16.18 -16.15
N GLN B 44 -18.85 -16.14 -15.02
CA GLN B 44 -19.65 -15.00 -14.66
C GLN B 44 -19.38 -14.58 -13.25
N ILE B 45 -19.42 -13.29 -12.98
CA ILE B 45 -19.46 -12.83 -11.62
C ILE B 45 -20.59 -11.82 -11.43
N TRP B 46 -21.31 -11.94 -10.33
CA TRP B 46 -22.43 -11.05 -10.07
C TRP B 46 -22.10 -10.11 -8.94
N ILE B 47 -22.16 -8.82 -9.18
CA ILE B 47 -21.89 -7.86 -8.13
C ILE B 47 -23.15 -7.14 -7.79
N ASP B 48 -23.54 -7.18 -6.53
CA ASP B 48 -24.85 -6.74 -6.14
C ASP B 48 -24.84 -5.92 -4.90
N LYS B 49 -25.90 -5.15 -4.72
CA LYS B 49 -26.14 -4.42 -3.51
C LYS B 49 -27.42 -4.96 -2.92
N THR B 50 -27.43 -5.23 -1.63
CA THR B 50 -28.55 -5.88 -1.02
C THR B 50 -28.62 -5.52 0.42
N VAL B 51 -29.67 -5.92 1.10
CA VAL B 51 -29.78 -5.73 2.52
C VAL B 51 -29.94 -7.03 3.25
N ILE B 52 -29.13 -7.26 4.27
CA ILE B 52 -29.28 -8.43 5.09
C ILE B 52 -29.25 -8.06 6.55
N SER B 53 -30.20 -8.54 7.31
CA SER B 53 -30.25 -8.32 8.73
C SER B 53 -30.12 -6.85 8.99
N ASP B 54 -30.76 -6.07 8.17
CA ASP B 54 -30.77 -4.64 8.34
C ASP B 54 -29.45 -3.98 8.07
N HIS B 55 -28.58 -4.65 7.35
CA HIS B 55 -27.30 -4.07 7.00
C HIS B 55 -27.13 -4.03 5.51
N ILE B 56 -26.75 -2.89 4.98
CA ILE B 56 -26.44 -2.80 3.57
C ILE B 56 -25.23 -3.66 3.30
N CYS B 57 -25.23 -4.37 2.20
CA CYS B 57 -24.14 -5.25 1.89
C CYS B 57 -23.80 -5.20 0.43
N LEU B 58 -22.56 -5.52 0.12
CA LEU B 58 -22.12 -5.66 -1.23
C LEU B 58 -21.82 -7.10 -1.33
N THR B 59 -22.15 -7.73 -2.44
CA THR B 59 -21.92 -9.13 -2.57
C THR B 59 -21.24 -9.42 -3.87
N PHE B 60 -20.36 -10.40 -3.87
CA PHE B 60 -19.66 -10.78 -5.05
C PHE B 60 -19.83 -12.25 -5.18
N THR B 61 -20.43 -12.71 -6.26
CA THR B 61 -20.76 -14.11 -6.42
C THR B 61 -20.30 -14.62 -7.74
N ASP B 62 -19.70 -15.79 -7.77
CA ASP B 62 -19.16 -16.31 -9.00
C ASP B 62 -19.43 -17.79 -9.15
N ASN B 63 -19.31 -18.27 -10.37
CA ASN B 63 -19.64 -19.64 -10.66
C ASN B 63 -18.38 -20.37 -10.98
N GLY B 64 -17.32 -19.96 -10.32
CA GLY B 64 -16.02 -20.56 -10.49
C GLY B 64 -15.82 -21.80 -9.66
N ASN B 65 -14.59 -22.29 -9.66
CA ASN B 65 -14.25 -23.56 -9.06
C ASN B 65 -14.42 -23.74 -7.57
N GLY B 66 -14.41 -22.69 -6.79
CA GLY B 66 -14.60 -22.82 -5.36
C GLY B 66 -13.35 -23.20 -4.60
N MET B 67 -13.46 -23.38 -3.30
CA MET B 67 -12.29 -23.63 -2.46
C MET B 67 -12.47 -24.77 -1.48
N THR B 68 -11.38 -25.47 -1.20
CA THR B 68 -11.31 -26.42 -0.12
C THR B 68 -11.22 -25.62 1.12
N ALA B 69 -11.42 -26.23 2.27
CA ALA B 69 -11.36 -25.49 3.52
C ALA B 69 -10.00 -24.87 3.67
N ASP B 70 -8.97 -25.62 3.35
CA ASP B 70 -7.62 -25.15 3.51
C ASP B 70 -7.29 -23.96 2.63
N LYS B 71 -7.72 -24.01 1.40
CA LYS B 71 -7.51 -22.93 0.47
C LYS B 71 -8.21 -21.70 0.96
N LEU B 72 -9.37 -21.89 1.56
CA LEU B 72 -10.09 -20.79 2.13
C LEU B 72 -9.29 -20.16 3.23
N HIS B 73 -8.59 -20.98 4.00
CA HIS B 73 -7.76 -20.45 5.06
C HIS B 73 -6.65 -19.60 4.52
N LYS B 74 -6.05 -20.04 3.44
CA LYS B 74 -5.02 -19.28 2.80
C LYS B 74 -5.55 -17.98 2.25
N MET B 75 -6.77 -18.01 1.76
CA MET B 75 -7.41 -16.82 1.25
C MET B 75 -7.58 -15.81 2.34
N LEU B 76 -7.82 -16.30 3.54
CA LEU B 76 -8.02 -15.42 4.67
C LEU B 76 -6.70 -15.18 5.40
N SER B 77 -5.63 -15.61 4.77
CA SER B 77 -4.28 -15.48 5.27
C SER B 77 -3.52 -14.55 4.38
N PHE B 78 -2.41 -14.01 4.83
CA PHE B 78 -1.75 -12.98 4.08
C PHE B 78 -0.52 -13.47 3.34
N GLY B 79 -0.46 -13.24 2.04
CA GLY B 79 0.66 -13.64 1.25
C GLY B 79 0.69 -14.96 0.53
N PHE B 80 -0.30 -15.81 0.72
CA PHE B 80 -0.30 -17.10 0.06
C PHE B 80 -0.98 -17.00 -1.28
N SER B 81 -0.23 -17.22 -2.34
CA SER B 81 -0.76 -17.25 -3.66
C SER B 81 0.05 -18.26 -4.42
N ASP B 82 -0.60 -19.15 -5.14
CA ASP B 82 0.11 -20.10 -5.96
C ASP B 82 -0.61 -20.24 -7.28
N LYS B 83 -0.59 -19.20 -8.10
CA LYS B 83 -1.39 -19.21 -9.30
C LYS B 83 -0.54 -19.34 -10.51
N VAL B 84 -0.94 -20.17 -11.44
CA VAL B 84 -0.14 -20.40 -12.62
C VAL B 84 -0.94 -20.23 -13.87
N THR B 85 -0.28 -19.84 -14.94
CA THR B 85 -0.94 -19.68 -16.21
C THR B 85 -1.46 -21.00 -16.68
N MET B 86 -2.68 -21.01 -17.21
CA MET B 86 -3.19 -22.20 -17.84
C MET B 86 -3.70 -21.90 -19.22
N ASN B 87 -3.16 -22.59 -20.20
CA ASN B 87 -3.71 -22.51 -21.51
C ASN B 87 -3.75 -21.09 -21.97
N GLY B 88 -2.76 -20.33 -21.58
CA GLY B 88 -2.67 -18.96 -22.04
C GLY B 88 -3.52 -18.04 -21.22
N HIS B 89 -4.15 -18.57 -20.19
CA HIS B 89 -4.88 -17.74 -19.28
C HIS B 89 -3.96 -17.41 -18.13
N VAL B 90 -3.55 -16.16 -18.04
CA VAL B 90 -2.56 -15.75 -17.06
C VAL B 90 -3.19 -15.09 -15.88
N PRO B 91 -2.81 -15.66 -14.65
CA PRO B 91 -3.48 -15.05 -13.51
C PRO B 91 -2.97 -13.67 -13.22
N VAL B 92 -3.85 -12.78 -12.84
CA VAL B 92 -3.48 -11.49 -12.36
C VAL B 92 -2.77 -11.52 -11.02
N GLY B 93 -3.20 -12.39 -10.12
CA GLY B 93 -2.70 -12.37 -8.77
C GLY B 93 -1.36 -13.01 -8.50
N LEU B 94 -0.46 -12.27 -7.87
CA LEU B 94 0.78 -12.84 -7.37
C LEU B 94 1.11 -12.47 -5.93
N TYR B 95 0.64 -11.33 -5.50
CA TYR B 95 0.88 -10.81 -4.17
C TYR B 95 0.29 -11.54 -2.98
N GLY B 96 -0.89 -12.12 -3.12
CA GLY B 96 -1.53 -12.82 -2.03
C GLY B 96 -2.23 -11.95 -1.04
N ASN B 97 -2.47 -10.70 -1.38
CA ASN B 97 -3.05 -9.76 -0.45
C ASN B 97 -4.38 -9.17 -0.88
N GLY B 98 -4.76 -9.37 -2.12
CA GLY B 98 -5.86 -8.64 -2.71
C GLY B 98 -7.24 -8.73 -2.10
N PHE B 99 -7.66 -9.93 -1.70
CA PHE B 99 -8.93 -10.05 -1.03
C PHE B 99 -8.95 -9.30 0.29
N LYS B 100 -7.88 -9.42 1.05
CA LYS B 100 -7.86 -8.79 2.34
C LYS B 100 -7.85 -7.32 2.18
N SER B 101 -7.02 -6.85 1.26
CA SER B 101 -6.89 -5.44 1.07
C SER B 101 -8.17 -4.86 0.54
N GLY B 102 -8.78 -5.54 -0.43
CA GLY B 102 -10.05 -5.10 -0.95
C GLY B 102 -11.25 -5.16 -0.05
N SER B 103 -11.43 -6.27 0.64
CA SER B 103 -12.62 -6.44 1.42
C SER B 103 -12.61 -5.40 2.46
N MET B 104 -11.48 -5.27 3.11
CA MET B 104 -11.39 -4.40 4.24
C MET B 104 -11.48 -2.95 3.86
N ARG B 105 -11.10 -2.65 2.64
CA ARG B 105 -11.27 -1.32 2.12
C ARG B 105 -12.74 -0.98 1.96
N LEU B 106 -13.50 -1.92 1.42
CA LEU B 106 -14.92 -1.75 1.24
C LEU B 106 -15.72 -1.71 2.51
N GLY B 107 -15.37 -2.55 3.46
CA GLY B 107 -16.13 -2.62 4.69
C GLY B 107 -15.40 -3.27 5.82
N LYS B 108 -15.91 -3.09 7.01
CA LYS B 108 -15.36 -3.70 8.21
C LYS B 108 -15.44 -5.20 8.34
N ASP B 109 -16.51 -5.80 7.84
CA ASP B 109 -16.71 -7.22 8.02
C ASP B 109 -17.01 -7.95 6.73
N ALA B 110 -16.53 -9.17 6.59
CA ALA B 110 -16.75 -9.91 5.38
C ALA B 110 -16.94 -11.39 5.63
N MET B 111 -17.72 -12.04 4.76
CA MET B 111 -17.95 -13.46 4.87
C MET B 111 -17.75 -14.10 3.53
N VAL B 112 -17.24 -15.30 3.51
CA VAL B 112 -17.05 -16.00 2.27
C VAL B 112 -17.72 -17.35 2.32
N PHE B 113 -18.54 -17.65 1.33
CA PHE B 113 -19.18 -18.93 1.23
C PHE B 113 -18.68 -19.55 -0.03
N THR B 114 -18.25 -20.80 0.02
CA THR B 114 -17.71 -21.43 -1.17
C THR B 114 -18.11 -22.86 -1.31
N LYS B 115 -18.27 -23.31 -2.54
CA LYS B 115 -18.51 -24.70 -2.84
C LYS B 115 -17.57 -25.12 -3.92
N ASN B 116 -16.84 -26.21 -3.71
CA ASN B 116 -16.01 -26.79 -4.73
C ASN B 116 -16.62 -28.05 -5.29
N GLY B 117 -17.80 -28.36 -4.81
CA GLY B 117 -18.53 -29.54 -5.24
C GLY B 117 -18.26 -30.81 -4.49
N GLU B 118 -17.34 -30.79 -3.55
CA GLU B 118 -17.19 -31.91 -2.66
C GLU B 118 -17.52 -31.44 -1.28
N THR B 119 -17.26 -30.19 -1.01
CA THR B 119 -17.52 -29.64 0.30
C THR B 119 -17.91 -28.22 0.13
N MET B 120 -18.48 -27.65 1.17
CA MET B 120 -18.75 -26.25 1.20
C MET B 120 -18.19 -25.75 2.51
N SER B 121 -17.64 -24.55 2.51
CA SER B 121 -17.08 -23.99 3.72
C SER B 121 -17.43 -22.52 3.84
N VAL B 122 -17.41 -22.01 5.06
CA VAL B 122 -17.70 -20.62 5.31
C VAL B 122 -16.61 -19.97 6.15
N GLY B 123 -16.12 -18.81 5.72
CA GLY B 123 -15.05 -18.13 6.40
C GLY B 123 -15.34 -16.71 6.80
N PHE B 124 -14.94 -16.34 8.01
CA PHE B 124 -15.29 -15.05 8.58
C PHE B 124 -14.07 -14.15 8.76
N LEU B 125 -14.08 -12.98 8.15
CA LEU B 125 -13.02 -12.01 8.34
C LEU B 125 -13.60 -10.71 8.78
N SER B 126 -13.73 -10.51 10.08
CA SER B 126 -14.38 -9.32 10.59
C SER B 126 -13.54 -8.49 11.55
N GLN B 127 -13.44 -7.21 11.27
CA GLN B 127 -12.88 -6.28 12.21
C GLN B 127 -13.77 -6.14 13.41
N THR B 128 -15.06 -6.11 13.19
CA THR B 128 -16.00 -5.94 14.27
C THR B 128 -15.93 -7.10 15.24
N TYR B 129 -15.82 -8.30 14.70
CA TYR B 129 -15.75 -9.47 15.53
C TYR B 129 -14.51 -9.42 16.37
N LEU B 130 -13.42 -9.04 15.76
CA LEU B 130 -12.16 -8.96 16.46
C LEU B 130 -12.15 -7.92 17.55
N GLU B 131 -12.76 -6.77 17.31
CA GLU B 131 -12.80 -5.78 18.36
C GLU B 131 -13.59 -6.28 19.53
N VAL B 132 -14.73 -6.88 19.26
CA VAL B 132 -15.64 -7.23 20.32
C VAL B 132 -15.09 -8.28 21.26
N ILE B 133 -14.40 -9.26 20.72
CA ILE B 133 -13.82 -10.28 21.57
C ILE B 133 -12.42 -9.89 21.99
N LYS B 134 -11.98 -8.74 21.52
CA LYS B 134 -10.70 -8.23 21.91
C LYS B 134 -9.61 -9.22 21.63
N ALA B 135 -9.63 -9.81 20.46
CA ALA B 135 -8.60 -10.73 20.08
C ALA B 135 -7.30 -9.99 19.90
N GLU B 136 -6.21 -10.60 20.30
CA GLU B 136 -4.92 -9.99 20.11
C GLU B 136 -4.30 -10.45 18.81
N HIS B 137 -4.91 -11.43 18.19
CA HIS B 137 -4.41 -11.97 16.96
C HIS B 137 -5.56 -12.06 15.98
N VAL B 138 -5.26 -12.16 14.71
CA VAL B 138 -6.31 -12.29 13.73
C VAL B 138 -6.64 -13.76 13.63
N VAL B 139 -7.86 -14.08 14.00
CA VAL B 139 -8.38 -15.42 13.88
C VAL B 139 -9.49 -15.43 12.86
N VAL B 140 -9.47 -16.41 11.98
CA VAL B 140 -10.47 -16.48 10.96
C VAL B 140 -11.34 -17.74 11.08
N PRO B 141 -12.60 -17.52 11.67
CA PRO B 141 -13.40 -18.74 11.83
C PRO B 141 -13.81 -19.44 10.56
N ILE B 142 -13.76 -20.76 10.55
CA ILE B 142 -14.15 -21.50 9.38
C ILE B 142 -15.03 -22.69 9.69
N VAL B 143 -16.10 -22.84 8.92
CA VAL B 143 -17.00 -23.98 9.05
C VAL B 143 -17.04 -24.74 7.76
N THR B 144 -16.91 -26.04 7.82
CA THR B 144 -16.87 -26.83 6.61
C THR B 144 -17.86 -27.97 6.62
N PHE B 145 -18.48 -28.22 5.48
CA PHE B 145 -19.54 -29.20 5.39
C PHE B 145 -19.30 -30.16 4.25
N ASN B 146 -19.84 -31.36 4.38
CA ASN B 146 -19.89 -32.34 3.31
C ASN B 146 -21.03 -32.08 2.35
N LYS B 147 -21.05 -32.80 1.25
CA LYS B 147 -22.01 -32.56 0.20
C LYS B 147 -23.39 -32.74 0.75
N HIS B 148 -23.49 -33.51 1.82
CA HIS B 148 -24.78 -33.81 2.42
C HIS B 148 -25.17 -32.81 3.48
N ARG B 149 -24.45 -31.71 3.57
CA ARG B 149 -24.81 -30.70 4.55
C ARG B 149 -24.49 -31.16 5.95
N GLN B 150 -23.52 -32.03 6.07
CA GLN B 150 -23.07 -32.45 7.36
C GLN B 150 -21.74 -31.78 7.73
N MET B 151 -21.64 -31.36 8.98
CA MET B 151 -20.46 -30.70 9.51
C MET B 151 -19.27 -31.63 9.60
N ILE B 152 -18.08 -31.10 9.43
CA ILE B 152 -16.88 -31.91 9.46
C ILE B 152 -15.71 -31.09 9.95
N ASN B 153 -14.58 -31.71 10.27
CA ASN B 153 -13.49 -30.98 10.89
C ASN B 153 -14.02 -30.29 12.11
N LEU B 154 -14.70 -31.07 12.93
CA LEU B 154 -15.68 -30.57 13.87
C LEU B 154 -15.18 -29.60 14.91
N THR B 155 -14.01 -29.84 15.46
CA THR B 155 -13.56 -29.01 16.56
C THR B 155 -13.40 -27.57 16.13
N GLU B 156 -12.80 -27.36 14.97
CA GLU B 156 -12.68 -26.03 14.42
C GLU B 156 -14.02 -25.46 14.04
N SER B 157 -14.81 -26.26 13.35
CA SER B 157 -16.09 -25.82 12.85
C SER B 157 -17.01 -25.50 13.97
N LYS B 158 -16.96 -26.33 14.99
CA LYS B 158 -17.85 -26.16 16.09
C LYS B 158 -17.56 -24.84 16.72
N ALA B 159 -16.30 -24.55 16.97
CA ALA B 159 -15.94 -23.25 17.51
C ALA B 159 -16.19 -22.14 16.51
N SER B 160 -15.84 -22.42 15.27
CA SER B 160 -15.92 -21.41 14.27
C SER B 160 -17.37 -21.03 14.14
N LEU B 161 -18.23 -22.01 14.12
CA LEU B 161 -19.65 -21.79 13.89
C LEU B 161 -20.29 -20.99 14.98
N ALA B 162 -19.90 -21.27 16.20
CA ALA B 162 -20.48 -20.61 17.32
C ALA B 162 -20.20 -19.14 17.19
N ALA B 163 -18.99 -18.83 16.79
CA ALA B 163 -18.58 -17.45 16.60
C ALA B 163 -19.36 -16.75 15.52
N ILE B 164 -19.55 -17.44 14.40
CA ILE B 164 -20.22 -16.83 13.27
C ILE B 164 -21.65 -16.46 13.64
N LEU B 165 -22.34 -17.36 14.30
CA LEU B 165 -23.71 -17.09 14.66
C LEU B 165 -23.84 -15.95 15.63
N GLU B 166 -22.98 -15.90 16.62
CA GLU B 166 -23.06 -14.83 17.60
C GLU B 166 -22.74 -13.44 17.09
N HIS B 167 -21.70 -13.30 16.30
CA HIS B 167 -21.28 -11.97 15.88
C HIS B 167 -21.52 -11.67 14.43
N SER B 168 -21.86 -12.71 13.70
CA SER B 168 -22.08 -12.58 12.29
C SER B 168 -23.44 -11.99 12.01
N LEU B 169 -23.65 -11.62 10.77
CA LEU B 169 -24.93 -11.14 10.32
C LEU B 169 -25.92 -12.27 10.46
N PHE B 170 -25.46 -13.47 10.24
CA PHE B 170 -26.33 -14.62 10.16
C PHE B 170 -26.39 -15.37 11.47
N SER B 171 -27.52 -15.29 12.15
CA SER B 171 -27.65 -15.79 13.50
C SER B 171 -28.00 -17.24 13.62
N THR B 172 -28.22 -17.91 12.51
CA THR B 172 -28.71 -19.27 12.53
C THR B 172 -28.06 -20.06 11.46
N GLU B 173 -28.07 -21.36 11.65
CA GLU B 173 -27.50 -22.24 10.66
C GLU B 173 -28.28 -22.02 9.40
N GLN B 174 -29.58 -21.84 9.53
CA GLN B 174 -30.42 -21.68 8.36
C GLN B 174 -30.08 -20.43 7.56
N LYS B 175 -29.82 -19.34 8.25
CA LYS B 175 -29.50 -18.09 7.58
C LYS B 175 -28.24 -18.23 6.76
N LEU B 176 -27.26 -18.95 7.30
CA LEU B 176 -26.02 -19.18 6.60
C LEU B 176 -26.13 -20.00 5.36
N LEU B 177 -26.91 -21.07 5.44
CA LEU B 177 -27.04 -22.02 4.35
C LEU B 177 -27.74 -21.40 3.18
N ALA B 178 -28.52 -20.38 3.44
CA ALA B 178 -29.21 -19.69 2.40
C ALA B 178 -28.25 -19.11 1.41
N GLU B 179 -27.22 -18.45 1.89
CA GLU B 179 -26.22 -17.84 1.05
C GLU B 179 -25.42 -18.87 0.31
N LEU B 180 -25.18 -19.98 0.95
CA LEU B 180 -24.51 -21.06 0.30
C LEU B 180 -25.37 -21.50 -0.87
N ASN B 181 -26.67 -21.50 -0.65
CA ASN B 181 -27.61 -21.82 -1.70
C ASN B 181 -27.59 -20.86 -2.86
N ALA B 182 -27.31 -19.60 -2.58
CA ALA B 182 -27.33 -18.59 -3.61
C ALA B 182 -26.28 -18.85 -4.66
N ILE B 183 -25.35 -19.75 -4.37
CA ILE B 183 -24.46 -20.20 -5.39
C ILE B 183 -25.16 -21.35 -6.04
N MET B 184 -25.73 -21.08 -7.19
CA MET B 184 -26.61 -22.02 -7.89
C MET B 184 -25.94 -23.28 -8.36
N GLY B 185 -24.72 -23.16 -8.84
CA GLY B 185 -23.97 -24.27 -9.36
C GLY B 185 -23.48 -25.15 -8.23
N LYS B 186 -22.96 -26.31 -8.59
CA LYS B 186 -22.31 -27.19 -7.64
C LYS B 186 -21.09 -26.52 -7.06
N LYS B 187 -20.41 -25.76 -7.90
CA LYS B 187 -19.19 -25.06 -7.55
C LYS B 187 -19.41 -23.58 -7.59
N GLY B 188 -18.76 -22.85 -6.69
CA GLY B 188 -18.78 -21.41 -6.73
C GLY B 188 -18.58 -20.73 -5.39
N THR B 189 -18.55 -19.41 -5.41
CA THR B 189 -18.24 -18.66 -4.22
C THR B 189 -19.07 -17.42 -4.06
N ARG B 190 -19.44 -17.08 -2.84
CA ARG B 190 -20.13 -15.85 -2.57
C ARG B 190 -19.47 -15.04 -1.46
N ILE B 191 -19.16 -13.78 -1.72
CA ILE B 191 -18.55 -12.95 -0.72
C ILE B 191 -19.52 -11.88 -0.32
N ILE B 192 -19.75 -11.74 0.97
CA ILE B 192 -20.64 -10.72 1.45
C ILE B 192 -19.88 -9.76 2.34
N ILE B 193 -20.01 -8.48 2.08
CA ILE B 193 -19.32 -7.47 2.84
C ILE B 193 -20.26 -6.47 3.42
N TRP B 194 -20.14 -6.19 4.69
CA TRP B 194 -21.04 -5.29 5.36
C TRP B 194 -20.34 -4.29 6.27
N ASN B 195 -21.08 -3.37 6.86
CA ASN B 195 -20.48 -2.30 7.60
C ASN B 195 -19.58 -1.51 6.70
N LEU B 196 -20.13 -1.13 5.57
CA LEU B 196 -19.46 -0.40 4.52
C LEU B 196 -19.10 0.96 5.01
N ARG B 197 -18.14 1.61 4.35
CA ARG B 197 -17.69 2.91 4.78
C ARG B 197 -18.79 3.92 4.63
N SER B 198 -18.97 4.75 5.64
CA SER B 198 -20.05 5.69 5.63
C SER B 198 -19.57 7.09 5.86
N TYR B 199 -20.03 8.01 5.03
CA TYR B 199 -19.83 9.41 5.31
C TYR B 199 -21.17 10.10 5.23
N LYS B 200 -21.39 11.07 6.09
CA LYS B 200 -22.66 11.76 6.12
C LYS B 200 -23.71 10.77 6.52
N ASN B 201 -23.31 9.76 7.28
CA ASN B 201 -24.25 8.77 7.75
C ASN B 201 -24.91 8.04 6.59
N ALA B 202 -24.17 7.91 5.51
CA ALA B 202 -24.62 7.18 4.35
C ALA B 202 -23.38 6.58 3.74
N THR B 203 -23.54 5.54 2.96
CA THR B 203 -22.42 4.84 2.41
C THR B 203 -21.71 5.70 1.42
N GLU B 204 -20.43 5.45 1.26
CA GLU B 204 -19.60 6.21 0.36
C GLU B 204 -20.10 6.02 -1.03
N PHE B 205 -20.62 4.85 -1.31
CA PHE B 205 -21.28 4.57 -2.56
C PHE B 205 -22.69 5.15 -2.70
N ASP B 206 -23.07 5.53 -3.91
CA ASP B 206 -24.42 5.93 -4.20
C ASP B 206 -25.13 4.85 -5.00
N PHE B 207 -26.15 4.25 -4.42
CA PHE B 207 -26.86 3.18 -5.09
C PHE B 207 -28.15 3.62 -5.75
N GLU B 208 -28.57 4.85 -5.45
CA GLU B 208 -29.90 5.31 -5.84
C GLU B 208 -29.93 6.09 -7.16
N LYS B 209 -28.85 6.77 -7.50
CA LYS B 209 -28.85 7.54 -8.72
C LYS B 209 -29.11 6.67 -9.91
N ASP B 210 -28.41 5.55 -10.00
CA ASP B 210 -28.68 4.58 -11.03
C ASP B 210 -28.88 3.23 -10.38
N LYS B 211 -30.01 2.62 -10.65
CA LYS B 211 -30.39 1.35 -10.10
C LYS B 211 -29.50 0.24 -10.56
N TYR B 212 -28.98 0.41 -11.75
CA TYR B 212 -28.21 -0.62 -12.39
C TYR B 212 -26.70 -0.45 -12.26
N ASP B 213 -26.29 0.54 -11.49
CA ASP B 213 -24.90 0.86 -11.29
C ASP B 213 -24.52 1.06 -9.85
N ILE B 214 -23.24 0.93 -9.58
CA ILE B 214 -22.70 1.38 -8.33
C ILE B 214 -21.83 2.56 -8.66
N ARG B 215 -22.06 3.64 -7.97
CA ARG B 215 -21.50 4.91 -8.37
C ARG B 215 -20.90 5.63 -7.21
N ILE B 216 -20.00 6.54 -7.50
CA ILE B 216 -19.45 7.37 -6.48
C ILE B 216 -20.14 8.70 -6.60
N PRO B 217 -20.68 9.16 -5.39
CA PRO B 217 -21.44 10.40 -5.55
C PRO B 217 -20.60 11.60 -5.87
N GLU B 218 -21.17 12.59 -6.53
CA GLU B 218 -20.53 13.88 -6.71
C GLU B 218 -20.60 14.63 -5.41
N ASP B 219 -19.64 15.50 -5.18
CA ASP B 219 -19.57 16.22 -3.92
C ASP B 219 -20.53 17.38 -3.93
N TYR B 229 -17.47 13.79 -9.76
CA TYR B 229 -16.33 13.21 -9.07
C TYR B 229 -15.24 12.81 -10.04
N LYS B 230 -14.06 13.38 -9.85
CA LYS B 230 -12.90 13.04 -10.65
C LYS B 230 -11.92 12.33 -9.76
N LYS B 231 -11.09 11.51 -10.36
CA LYS B 231 -10.02 10.88 -9.64
C LYS B 231 -8.97 11.91 -9.31
N GLN B 232 -8.10 11.58 -8.38
CA GLN B 232 -7.09 12.50 -7.91
C GLN B 232 -6.16 12.94 -9.01
N GLU B 233 -5.75 11.99 -9.83
CA GLU B 233 -4.78 12.27 -10.87
C GLU B 233 -5.30 13.24 -11.89
N ARG B 234 -6.58 13.14 -12.20
CA ARG B 234 -7.18 14.02 -13.20
C ARG B 234 -6.88 15.47 -12.91
N GLN B 237 -9.45 18.86 -16.73
CA GLN B 237 -9.85 18.05 -15.59
C GLN B 237 -11.34 17.79 -15.63
N ILE B 238 -11.78 16.99 -16.57
CA ILE B 238 -13.19 16.61 -16.58
C ILE B 238 -13.26 15.08 -16.57
N ALA B 239 -14.13 14.55 -15.73
CA ALA B 239 -14.04 13.15 -15.33
C ALA B 239 -14.69 12.17 -16.27
N PRO B 240 -13.84 11.13 -16.69
CA PRO B 240 -14.53 10.15 -17.53
C PRO B 240 -15.33 9.23 -16.68
N GLU B 241 -16.17 8.44 -17.30
CA GLU B 241 -17.19 7.66 -16.66
C GLU B 241 -16.62 6.64 -15.71
N SER B 242 -15.49 6.06 -16.08
CA SER B 242 -14.90 4.99 -15.33
C SER B 242 -14.58 5.42 -13.94
N ASP B 243 -14.27 6.69 -13.76
CA ASP B 243 -13.98 7.18 -12.45
C ASP B 243 -15.14 7.09 -11.49
N TYR B 244 -16.36 7.38 -11.95
CA TYR B 244 -17.49 7.34 -11.05
C TYR B 244 -18.48 6.21 -11.24
N SER B 245 -18.34 5.44 -12.30
CA SER B 245 -19.27 4.35 -12.54
C SER B 245 -18.62 2.99 -12.62
N LEU B 246 -19.08 2.08 -11.79
CA LEU B 246 -18.54 0.76 -11.77
C LEU B 246 -18.73 0.08 -13.08
N ARG B 247 -19.90 0.27 -13.67
CA ARG B 247 -20.21 -0.37 -14.92
C ARG B 247 -19.28 0.13 -15.99
N ALA B 248 -19.06 1.43 -15.99
CA ALA B 248 -18.23 2.02 -17.00
C ALA B 248 -16.84 1.48 -16.88
N TYR B 249 -16.37 1.39 -15.65
CA TYR B 249 -15.06 0.88 -15.33
C TYR B 249 -14.88 -0.56 -15.70
N CYS B 250 -15.88 -1.36 -15.40
CA CYS B 250 -15.80 -2.78 -15.67
C CYS B 250 -15.73 -3.09 -17.13
N SER B 251 -16.22 -2.20 -17.95
CA SER B 251 -16.15 -2.37 -19.37
C SER B 251 -14.73 -2.45 -19.85
N ILE B 252 -13.87 -1.59 -19.31
CA ILE B 252 -12.52 -1.50 -19.79
C ILE B 252 -11.53 -2.29 -18.98
N LEU B 253 -12.02 -2.99 -17.98
CA LEU B 253 -11.17 -3.65 -17.02
C LEU B 253 -10.30 -4.68 -17.64
N TYR B 254 -10.81 -5.46 -18.58
CA TYR B 254 -10.02 -6.51 -19.19
C TYR B 254 -9.84 -6.28 -20.66
N LEU B 255 -8.62 -6.38 -21.14
CA LEU B 255 -8.32 -6.11 -22.53
C LEU B 255 -8.99 -7.05 -23.50
N LYS B 256 -8.97 -8.33 -23.16
CA LYS B 256 -9.59 -9.36 -23.95
C LYS B 256 -10.41 -10.20 -23.02
N PRO B 257 -11.70 -9.71 -22.78
CA PRO B 257 -12.38 -10.37 -21.65
C PRO B 257 -12.57 -11.86 -21.74
N ARG B 258 -12.44 -12.54 -20.61
CA ARG B 258 -12.77 -13.94 -20.49
C ARG B 258 -13.89 -14.22 -19.53
N MET B 259 -14.48 -13.20 -18.95
CA MET B 259 -15.49 -13.42 -17.95
C MET B 259 -16.57 -12.38 -18.12
N GLN B 260 -17.77 -12.68 -17.65
CA GLN B 260 -18.87 -11.76 -17.79
C GLN B 260 -19.19 -11.19 -16.45
N ILE B 261 -19.26 -9.88 -16.38
CA ILE B 261 -19.50 -9.21 -15.14
C ILE B 261 -20.89 -8.70 -15.17
N ILE B 262 -21.64 -8.95 -14.12
CA ILE B 262 -22.98 -8.46 -14.04
C ILE B 262 -23.11 -7.58 -12.83
N ILE B 263 -23.55 -6.35 -13.04
CA ILE B 263 -23.69 -5.41 -11.94
C ILE B 263 -25.15 -5.06 -11.71
N ARG B 264 -25.62 -5.32 -10.51
CA ARG B 264 -26.95 -4.95 -10.12
C ARG B 264 -27.92 -5.70 -11.00
N GLY B 265 -27.48 -6.82 -11.51
CA GLY B 265 -28.32 -7.67 -12.33
C GLY B 265 -28.32 -7.39 -13.81
N GLN B 266 -27.73 -6.29 -14.24
CA GLN B 266 -27.63 -6.02 -15.65
C GLN B 266 -26.20 -6.25 -16.08
N LYS B 267 -26.00 -7.09 -17.07
CA LYS B 267 -24.70 -7.54 -17.47
C LYS B 267 -23.95 -6.39 -18.05
N VAL B 268 -22.65 -6.51 -18.12
CA VAL B 268 -21.82 -5.42 -18.53
C VAL B 268 -21.27 -5.73 -19.87
N LYS B 269 -21.47 -4.82 -20.80
CA LYS B 269 -21.03 -5.07 -22.15
C LYS B 269 -19.69 -4.44 -22.38
N THR B 270 -18.77 -5.25 -22.83
CA THR B 270 -17.41 -4.85 -22.94
C THR B 270 -17.20 -4.00 -24.15
N GLN B 271 -16.54 -2.88 -23.94
CA GLN B 271 -16.18 -1.94 -24.96
C GLN B 271 -15.23 -2.54 -25.97
N LEU B 272 -15.39 -2.23 -27.24
CA LEU B 272 -14.45 -2.74 -28.23
C LEU B 272 -13.75 -1.65 -29.03
N VAL B 273 -12.46 -1.83 -29.24
CA VAL B 273 -11.66 -0.77 -29.79
C VAL B 273 -12.15 -0.44 -31.17
N SER B 274 -12.41 -1.49 -31.92
CA SER B 274 -12.71 -1.33 -33.32
C SER B 274 -13.94 -0.49 -33.43
N LYS B 275 -14.87 -0.68 -32.51
CA LYS B 275 -16.07 0.12 -32.49
C LYS B 275 -15.92 1.37 -31.65
N SER B 276 -14.74 1.60 -31.11
CA SER B 276 -14.58 2.73 -30.22
C SER B 276 -13.60 3.78 -30.66
N LEU B 277 -12.76 3.45 -31.63
CA LEU B 277 -11.66 4.31 -32.03
C LEU B 277 -11.55 4.47 -33.53
N ALA B 278 -10.98 5.57 -33.97
CA ALA B 278 -10.89 5.82 -35.38
C ALA B 278 -9.49 6.08 -35.84
N TYR B 279 -9.19 5.79 -37.08
CA TYR B 279 -7.86 6.00 -37.61
C TYR B 279 -6.87 5.19 -36.82
N ILE B 280 -7.24 3.98 -36.51
CA ILE B 280 -6.42 3.10 -35.74
C ILE B 280 -5.12 2.85 -36.48
N GLU B 281 -4.03 2.90 -35.73
CA GLU B 281 -2.71 2.66 -36.25
C GLU B 281 -1.95 1.83 -35.25
N ARG B 282 -0.94 1.11 -35.67
CA ARG B 282 -0.19 0.28 -34.75
C ARG B 282 1.28 0.62 -34.70
N ASP B 283 1.83 0.57 -33.50
CA ASP B 283 3.23 0.89 -33.28
C ASP B 283 3.89 -0.18 -32.46
N VAL B 284 5.21 -0.21 -32.49
CA VAL B 284 5.95 -1.22 -31.76
C VAL B 284 6.91 -0.63 -30.76
N TYR B 285 7.02 -1.25 -29.61
CA TYR B 285 7.98 -0.84 -28.61
C TYR B 285 9.05 -1.89 -28.52
N ARG B 286 10.29 -1.49 -28.75
CA ARG B 286 11.41 -2.40 -28.80
C ARG B 286 12.54 -1.90 -27.93
N PRO B 287 12.35 -2.04 -26.55
CA PRO B 287 13.42 -1.48 -25.74
C PRO B 287 14.57 -2.44 -25.54
N LYS B 288 15.72 -1.91 -25.17
CA LYS B 288 16.92 -2.70 -24.99
C LYS B 288 16.80 -3.73 -23.88
N PHE B 289 15.96 -3.46 -22.91
CA PHE B 289 15.87 -4.34 -21.75
C PHE B 289 14.97 -5.52 -21.95
N LEU B 290 14.43 -5.68 -23.14
CA LEU B 290 13.52 -6.76 -23.39
C LEU B 290 13.92 -7.58 -24.58
N THR B 291 13.49 -8.83 -24.59
CA THR B 291 13.77 -9.71 -25.70
C THR B 291 12.58 -9.89 -26.60
N ARG B 292 11.54 -9.12 -26.37
CA ARG B 292 10.31 -9.28 -27.11
C ARG B 292 9.80 -7.93 -27.51
N THR B 293 9.01 -7.87 -28.56
CA THR B 293 8.35 -6.65 -28.96
C THR B 293 7.13 -6.39 -28.10
N VAL B 294 6.72 -5.15 -27.98
CA VAL B 294 5.45 -4.85 -27.37
C VAL B 294 4.61 -4.09 -28.36
N ARG B 295 3.45 -4.62 -28.69
CA ARG B 295 2.53 -3.96 -29.60
C ARG B 295 1.86 -2.79 -28.94
N ILE B 296 1.53 -1.79 -29.73
CA ILE B 296 0.76 -0.67 -29.24
C ILE B 296 -0.31 -0.34 -30.25
N THR B 297 -1.44 0.16 -29.78
CA THR B 297 -2.50 0.60 -30.65
C THR B 297 -2.82 2.04 -30.37
N PHE B 298 -2.89 2.85 -31.41
CA PHE B 298 -3.15 4.26 -31.25
C PHE B 298 -4.43 4.57 -31.98
N GLY B 299 -5.29 5.35 -31.37
CA GLY B 299 -6.58 5.63 -31.93
C GLY B 299 -7.05 7.01 -31.60
N PHE B 300 -8.04 7.49 -32.33
CA PHE B 300 -8.65 8.76 -32.03
C PHE B 300 -9.95 8.46 -31.37
N ASN B 301 -10.29 9.23 -30.35
CA ASN B 301 -11.46 8.90 -29.59
C ASN B 301 -12.65 9.55 -30.22
N CYS B 302 -13.46 8.75 -30.89
CA CYS B 302 -14.70 9.24 -31.42
C CYS B 302 -15.75 8.69 -30.48
N ARG B 303 -16.40 9.60 -29.80
CA ARG B 303 -17.21 9.29 -28.64
C ARG B 303 -16.85 10.51 -27.90
N ASN B 304 -16.80 10.47 -26.58
CA ASN B 304 -16.46 11.69 -25.85
C ASN B 304 -15.09 12.12 -26.35
N LYS B 305 -14.98 13.36 -26.76
CA LYS B 305 -13.75 13.83 -27.34
C LYS B 305 -12.72 13.70 -26.26
N ASP B 306 -13.14 13.99 -25.05
CA ASP B 306 -12.22 14.32 -24.00
C ASP B 306 -11.78 13.25 -23.04
N HIS B 307 -11.96 11.97 -23.36
CA HIS B 307 -11.22 11.04 -22.59
C HIS B 307 -10.20 10.48 -23.51
N TYR B 308 -8.93 10.75 -23.25
CA TYR B 308 -7.90 10.31 -24.13
C TYR B 308 -6.61 10.10 -23.38
N GLY B 309 -5.72 9.31 -23.95
CA GLY B 309 -4.49 9.02 -23.28
C GLY B 309 -4.12 7.58 -23.49
N ILE B 310 -3.27 7.06 -22.63
CA ILE B 310 -2.82 5.71 -22.78
C ILE B 310 -3.48 4.84 -21.77
N MET B 311 -3.93 3.68 -22.20
CA MET B 311 -4.43 2.70 -21.28
C MET B 311 -3.38 1.67 -21.16
N MET B 312 -2.93 1.42 -19.95
CA MET B 312 -1.86 0.48 -19.74
C MET B 312 -2.42 -0.74 -19.08
N TYR B 313 -2.17 -1.88 -19.67
CA TYR B 313 -2.73 -3.12 -19.24
C TYR B 313 -1.62 -4.03 -18.77
N HIS B 314 -1.88 -4.79 -17.72
CA HIS B 314 -0.90 -5.74 -17.26
C HIS B 314 -1.55 -7.09 -17.11
N LYS B 315 -1.06 -8.07 -17.83
CA LYS B 315 -1.63 -9.40 -17.74
C LYS B 315 -3.10 -9.35 -18.08
N ASN B 316 -3.43 -8.55 -19.08
CA ASN B 316 -4.77 -8.43 -19.58
C ASN B 316 -5.66 -7.66 -18.66
N ARG B 317 -5.09 -6.93 -17.72
CA ARG B 317 -5.85 -6.24 -16.72
C ARG B 317 -5.46 -4.79 -16.72
N LEU B 318 -6.38 -3.91 -16.40
CA LEU B 318 -6.12 -2.50 -16.57
C LEU B 318 -5.56 -1.90 -15.33
N ILE B 319 -4.44 -1.20 -15.49
CA ILE B 319 -3.76 -0.64 -14.36
C ILE B 319 -4.00 0.84 -14.24
N LYS B 320 -3.73 1.58 -15.29
CA LYS B 320 -4.07 2.98 -15.31
C LYS B 320 -4.57 3.34 -16.68
N ALA B 321 -5.47 4.29 -16.72
CA ALA B 321 -6.07 4.72 -17.96
C ALA B 321 -5.97 6.21 -18.07
N TYR B 322 -5.92 6.67 -19.30
CA TYR B 322 -5.92 8.08 -19.59
C TYR B 322 -4.66 8.72 -19.16
N GLU B 323 -3.59 7.95 -19.05
CA GLU B 323 -2.31 8.53 -18.74
C GLU B 323 -1.99 9.39 -19.92
N LYS B 324 -1.51 10.58 -19.66
CA LYS B 324 -1.25 11.54 -20.70
C LYS B 324 0.22 11.48 -20.99
N VAL B 325 0.58 11.42 -22.25
CA VAL B 325 1.97 11.27 -22.60
C VAL B 325 2.37 12.22 -23.66
N GLY B 326 3.64 12.58 -23.64
CA GLY B 326 4.18 13.38 -24.69
C GLY B 326 3.39 14.66 -24.83
N CYS B 327 3.23 15.08 -26.06
CA CYS B 327 2.75 16.42 -26.27
C CYS B 327 1.53 16.65 -25.41
N GLN B 328 0.78 15.60 -25.13
CA GLN B 328 -0.45 15.76 -24.38
C GLN B 328 -0.09 16.39 -23.08
N LEU B 329 1.05 16.00 -22.55
CA LEU B 329 1.51 16.59 -21.31
C LEU B 329 1.77 18.06 -21.45
N LYS B 330 2.36 18.44 -22.57
CA LYS B 330 2.99 19.76 -22.70
C LYS B 330 2.06 20.95 -22.59
N ALA B 331 0.88 20.84 -23.15
CA ALA B 331 0.03 22.00 -23.28
C ALA B 331 -1.44 21.64 -23.34
N ASN B 332 -2.25 22.66 -23.43
CA ASN B 332 -3.67 22.51 -23.52
C ASN B 332 -4.06 21.75 -24.78
N ASN B 333 -3.37 22.08 -25.86
CA ASN B 333 -3.88 21.84 -27.19
C ASN B 333 -3.40 20.64 -27.98
N MET B 334 -2.53 19.82 -27.41
CA MET B 334 -1.96 18.75 -28.19
C MET B 334 -2.41 17.35 -27.81
N GLY B 335 -2.69 16.54 -28.82
CA GLY B 335 -2.97 15.14 -28.64
C GLY B 335 -4.37 14.79 -28.26
N VAL B 336 -5.22 15.79 -28.20
CA VAL B 336 -6.53 15.59 -27.67
C VAL B 336 -7.27 14.56 -28.47
N GLY B 337 -7.94 13.64 -27.78
CA GLY B 337 -8.71 12.61 -28.43
C GLY B 337 -7.91 11.39 -28.80
N VAL B 338 -6.64 11.41 -28.44
CA VAL B 338 -5.73 10.35 -28.80
C VAL B 338 -5.59 9.35 -27.67
N VAL B 339 -5.81 8.09 -28.00
CA VAL B 339 -5.84 7.05 -27.02
C VAL B 339 -4.82 6.03 -27.43
N GLY B 340 -4.15 5.44 -26.45
CA GLY B 340 -3.18 4.41 -26.72
C GLY B 340 -3.48 3.19 -25.91
N ILE B 341 -3.22 2.03 -26.45
CA ILE B 341 -3.37 0.82 -25.70
C ILE B 341 -2.10 0.02 -25.72
N ILE B 342 -1.60 -0.34 -24.55
CA ILE B 342 -0.42 -1.15 -24.43
C ILE B 342 -0.57 -2.10 -23.28
N GLU B 343 0.01 -3.27 -23.39
CA GLU B 343 0.07 -4.17 -22.26
C GLU B 343 1.51 -4.27 -21.82
N CYS B 344 1.80 -4.01 -20.55
CA CYS B 344 3.16 -4.17 -20.06
C CYS B 344 3.28 -5.25 -19.01
N ASN B 345 3.68 -6.43 -19.42
CA ASN B 345 3.81 -7.52 -18.48
C ASN B 345 5.11 -7.47 -17.77
N PHE B 346 6.01 -6.65 -18.28
CA PHE B 346 7.32 -6.52 -17.72
C PHE B 346 7.40 -5.51 -16.59
N LEU B 347 6.36 -4.72 -16.43
CA LEU B 347 6.28 -3.79 -15.32
C LEU B 347 5.74 -4.44 -14.08
N LYS B 348 5.85 -3.78 -12.95
CA LYS B 348 5.33 -4.33 -11.73
C LYS B 348 4.27 -3.46 -11.13
N PRO B 349 3.11 -4.14 -10.76
CA PRO B 349 2.06 -3.28 -10.21
C PRO B 349 2.29 -2.93 -8.78
N THR B 350 1.72 -1.83 -8.34
CA THR B 350 1.86 -1.40 -6.99
C THR B 350 0.87 -2.09 -6.10
N HIS B 351 0.81 -1.63 -4.87
CA HIS B 351 0.06 -2.29 -3.84
C HIS B 351 -1.42 -2.39 -4.16
N ASN B 352 -1.97 -1.35 -4.78
CA ASN B 352 -3.37 -1.34 -5.10
C ASN B 352 -3.64 -1.67 -6.54
N LYS B 353 -2.57 -1.94 -7.26
CA LYS B 353 -2.65 -2.29 -8.66
C LYS B 353 -3.32 -1.18 -9.43
N GLN B 354 -3.10 0.05 -9.04
CA GLN B 354 -3.56 1.15 -9.81
C GLN B 354 -2.44 1.91 -10.43
N ASP B 355 -1.24 1.38 -10.30
CA ASP B 355 -0.06 2.00 -10.87
C ASP B 355 1.04 1.00 -10.96
N PHE B 356 2.12 1.39 -11.61
CA PHE B 356 3.32 0.56 -11.67
C PHE B 356 4.42 1.12 -10.76
N ASP B 357 5.38 0.27 -10.41
CA ASP B 357 6.54 0.71 -9.65
C ASP B 357 7.32 1.69 -10.47
N TYR B 358 7.73 2.77 -9.87
CA TYR B 358 8.37 3.83 -10.63
C TYR B 358 9.85 3.60 -10.80
N THR B 359 10.18 2.92 -11.87
CA THR B 359 11.48 2.37 -12.10
C THR B 359 11.99 2.84 -13.42
N ASN B 360 13.26 2.64 -13.68
CA ASN B 360 13.88 3.22 -14.85
C ASN B 360 13.14 2.70 -16.03
N GLU B 361 12.73 1.44 -15.98
CA GLU B 361 11.96 0.85 -17.04
C GLU B 361 10.59 1.48 -17.25
N TYR B 362 9.90 1.81 -16.17
CA TYR B 362 8.62 2.46 -16.31
C TYR B 362 8.81 3.79 -16.93
N ARG B 363 9.83 4.49 -16.52
CA ARG B 363 10.10 5.81 -17.05
C ARG B 363 10.40 5.76 -18.51
N LEU B 364 11.17 4.77 -18.92
CA LEU B 364 11.50 4.62 -20.31
C LEU B 364 10.29 4.33 -21.15
N THR B 365 9.45 3.45 -20.64
CA THR B 365 8.26 3.06 -21.35
C THR B 365 7.38 4.27 -21.51
N ILE B 366 7.28 5.07 -20.48
CA ILE B 366 6.46 6.25 -20.54
C ILE B 366 6.99 7.21 -21.55
N LEU B 367 8.29 7.31 -21.67
CA LEU B 367 8.88 8.24 -22.58
C LEU B 367 8.64 7.79 -23.99
N ALA B 368 8.79 6.52 -24.24
CA ALA B 368 8.58 5.99 -25.56
C ALA B 368 7.15 6.18 -26.02
N LEU B 369 6.21 5.99 -25.13
CA LEU B 369 4.82 6.13 -25.49
C LEU B 369 4.54 7.54 -25.93
N GLY B 370 5.09 8.51 -25.22
CA GLY B 370 4.91 9.89 -25.58
C GLY B 370 5.51 10.27 -26.91
N GLU B 371 6.71 9.79 -27.17
CA GLU B 371 7.34 10.06 -28.43
C GLU B 371 6.53 9.41 -29.52
N LYS B 372 6.13 8.18 -29.28
CA LYS B 372 5.38 7.43 -30.24
C LYS B 372 4.05 8.07 -30.47
N LEU B 373 3.42 8.54 -29.40
CA LEU B 373 2.13 9.17 -29.53
C LEU B 373 2.25 10.42 -30.36
N ASN B 374 3.34 11.15 -30.15
CA ASN B 374 3.54 12.39 -30.88
C ASN B 374 3.61 12.08 -32.35
N ASP B 375 4.28 11.01 -32.69
CA ASP B 375 4.48 10.69 -34.07
C ASP B 375 3.12 10.48 -34.66
N TYR B 376 2.27 9.78 -33.94
CA TYR B 376 0.97 9.45 -34.46
C TYR B 376 0.18 10.70 -34.71
N TRP B 377 0.24 11.61 -33.77
CA TRP B 377 -0.52 12.84 -33.85
C TRP B 377 -0.11 13.70 -35.01
N ASN B 378 1.18 13.90 -35.20
CA ASN B 378 1.62 14.66 -36.32
C ASN B 378 1.18 13.97 -37.59
N GLU B 379 1.26 12.65 -37.60
CA GLU B 379 0.97 11.89 -38.79
C GLU B 379 -0.47 12.06 -39.27
N MET B 380 -1.42 12.11 -38.34
CA MET B 380 -2.81 12.22 -38.75
C MET B 380 -3.31 13.63 -38.57
N LYS B 381 -3.75 14.22 -39.67
CA LYS B 381 -4.24 15.58 -39.68
C LYS B 381 -4.18 16.07 -41.10
N LYS B 399 -30.38 1.98 -23.87
CA LYS B 399 -30.19 0.78 -24.65
C LYS B 399 -29.94 -0.42 -23.77
N ARG B 400 -30.52 -0.42 -22.59
CA ARG B 400 -30.25 -1.48 -21.65
C ARG B 400 -30.84 -2.79 -22.10
N PRO B 401 -30.11 -3.94 -21.75
CA PRO B 401 -30.74 -5.19 -22.17
C PRO B 401 -31.98 -5.42 -21.35
N ASP B 402 -32.85 -6.30 -21.78
CA ASP B 402 -34.06 -6.53 -21.05
C ASP B 402 -33.94 -7.29 -19.77
N GLN B 403 -34.74 -6.89 -18.79
CA GLN B 403 -34.83 -7.60 -17.54
C GLN B 403 -35.55 -8.89 -17.73
N THR B 404 -35.29 -9.87 -16.89
CA THR B 404 -35.91 -11.15 -17.04
C THR B 404 -36.49 -11.43 -15.69
N TRP B 405 -37.65 -12.07 -15.66
CA TRP B 405 -38.31 -12.38 -14.41
C TRP B 405 -38.62 -13.84 -14.41
N VAL B 406 -38.88 -14.38 -13.23
CA VAL B 406 -39.30 -15.74 -13.12
C VAL B 406 -40.54 -15.72 -12.26
N GLN B 407 -41.44 -16.67 -12.46
CA GLN B 407 -42.63 -16.72 -11.65
C GLN B 407 -42.55 -17.82 -10.65
N CYS B 408 -42.85 -17.48 -9.42
CA CYS B 408 -42.86 -18.45 -8.33
C CYS B 408 -43.97 -19.43 -8.52
N ASP B 409 -43.62 -20.70 -8.49
CA ASP B 409 -44.60 -21.74 -8.63
C ASP B 409 -45.58 -21.82 -7.49
N ALA B 410 -45.12 -21.66 -6.26
CA ALA B 410 -46.03 -21.62 -5.14
C ALA B 410 -46.97 -20.43 -5.04
N CYS B 411 -46.47 -19.23 -5.27
CA CYS B 411 -47.28 -18.03 -5.01
C CYS B 411 -47.64 -17.21 -6.25
N LEU B 412 -47.00 -17.53 -7.36
CA LEU B 412 -47.31 -16.93 -8.64
C LEU B 412 -46.85 -15.51 -8.75
N LYS B 413 -46.08 -15.04 -7.78
CA LYS B 413 -45.52 -13.71 -7.84
C LYS B 413 -44.37 -13.70 -8.82
N TRP B 414 -44.07 -12.54 -9.35
CA TRP B 414 -42.99 -12.43 -10.28
C TRP B 414 -41.76 -11.81 -9.61
N ARG B 415 -40.64 -12.50 -9.71
CA ARG B 415 -39.43 -12.04 -9.07
C ARG B 415 -38.39 -11.76 -10.13
N LYS B 416 -37.74 -10.61 -9.98
CA LYS B 416 -36.71 -10.17 -10.90
C LYS B 416 -35.50 -11.07 -10.88
N LEU B 417 -34.88 -11.26 -12.02
CA LEU B 417 -33.77 -12.17 -12.12
C LEU B 417 -32.60 -11.49 -12.74
N PRO B 418 -31.37 -11.84 -12.20
CA PRO B 418 -30.23 -11.20 -12.89
C PRO B 418 -29.85 -11.83 -14.20
N ASP B 419 -29.21 -11.06 -15.05
CA ASP B 419 -28.74 -11.53 -16.34
C ASP B 419 -27.62 -12.50 -16.16
N GLY B 420 -27.41 -13.35 -17.14
CA GLY B 420 -26.29 -14.27 -17.16
C GLY B 420 -26.52 -15.69 -16.71
N ILE B 421 -27.72 -16.02 -16.26
CA ILE B 421 -27.98 -17.39 -15.87
C ILE B 421 -28.12 -18.28 -17.09
N ASP B 422 -27.31 -19.33 -17.16
CA ASP B 422 -27.36 -20.26 -18.28
C ASP B 422 -28.62 -21.12 -18.34
N GLN B 423 -29.08 -21.61 -17.20
CA GLN B 423 -30.32 -22.36 -17.19
C GLN B 423 -30.98 -22.40 -15.82
N LEU B 424 -32.28 -22.62 -15.79
CA LEU B 424 -33.01 -22.57 -14.55
C LEU B 424 -33.59 -23.90 -14.22
N PRO B 425 -33.97 -24.05 -12.88
CA PRO B 425 -34.54 -25.36 -12.58
C PRO B 425 -35.93 -25.45 -13.17
N GLU B 426 -36.52 -26.62 -13.24
CA GLU B 426 -37.84 -26.72 -13.83
C GLU B 426 -38.86 -25.94 -13.03
N LYS B 427 -38.79 -26.03 -11.72
CA LYS B 427 -39.72 -25.30 -10.89
C LYS B 427 -38.99 -24.44 -9.91
N TRP B 428 -39.40 -23.19 -9.80
CA TRP B 428 -38.70 -22.18 -9.05
C TRP B 428 -39.60 -21.54 -8.03
N TYR B 429 -39.11 -21.39 -6.81
CA TYR B 429 -39.94 -20.88 -5.74
C TYR B 429 -39.30 -19.70 -5.04
N CYS B 430 -40.12 -18.79 -4.53
CA CYS B 430 -39.57 -17.57 -3.96
C CYS B 430 -38.52 -17.90 -2.90
N SER B 431 -38.61 -19.07 -2.30
CA SER B 431 -37.78 -19.39 -1.16
C SER B 431 -36.45 -19.98 -1.56
N ASN B 432 -36.27 -20.19 -2.83
CA ASN B 432 -34.97 -20.60 -3.30
C ASN B 432 -34.30 -19.45 -4.03
N ASN B 433 -34.82 -18.26 -3.88
CA ASN B 433 -34.25 -17.11 -4.55
C ASN B 433 -32.86 -16.79 -4.02
N PRO B 434 -31.89 -16.59 -5.01
CA PRO B 434 -30.61 -16.08 -4.48
C PRO B 434 -30.73 -14.70 -3.87
N ASP B 435 -31.53 -13.83 -4.46
CA ASP B 435 -31.62 -12.48 -3.96
C ASP B 435 -32.11 -12.55 -2.55
N PRO B 436 -31.32 -11.83 -1.65
CA PRO B 436 -31.77 -11.94 -0.26
C PRO B 436 -33.10 -11.31 0.03
N GLN B 437 -33.41 -10.20 -0.60
CA GLN B 437 -34.59 -9.44 -0.28
C GLN B 437 -35.94 -10.06 -0.71
N PHE B 438 -35.92 -11.01 -1.63
CA PHE B 438 -37.15 -11.67 -2.05
C PHE B 438 -37.02 -13.17 -1.96
N ARG B 439 -36.94 -13.66 -0.73
CA ARG B 439 -36.76 -15.08 -0.49
C ARG B 439 -37.97 -15.82 0.07
N ASN B 440 -39.03 -15.10 0.39
CA ASN B 440 -40.26 -15.77 0.79
C ASN B 440 -41.49 -15.30 0.02
N CYS B 441 -42.44 -16.19 -0.21
CA CYS B 441 -43.57 -15.82 -1.05
C CYS B 441 -44.39 -14.67 -0.46
N GLU B 442 -44.12 -14.35 0.80
CA GLU B 442 -44.97 -13.43 1.50
C GLU B 442 -44.61 -12.02 1.17
N VAL B 443 -43.67 -11.85 0.25
CA VAL B 443 -43.13 -10.54 0.02
C VAL B 443 -43.58 -9.94 -1.28
N PRO B 444 -44.01 -8.62 -1.15
CA PRO B 444 -44.70 -8.10 -2.32
C PRO B 444 -43.92 -8.17 -3.58
N GLU B 445 -44.63 -8.41 -4.66
CA GLU B 445 -44.04 -8.43 -5.97
C GLU B 445 -43.57 -7.02 -6.24
N GLU B 446 -42.51 -6.93 -7.01
CA GLU B 446 -41.76 -5.71 -7.22
C GLU B 446 -42.21 -5.04 -8.47
N PRO B 447 -42.44 -3.67 -8.36
CA PRO B 447 -42.94 -3.05 -9.59
C PRO B 447 -41.98 -3.14 -10.73
N GLU B 448 -42.47 -3.28 -11.95
CA GLU B 448 -41.65 -3.17 -13.14
C GLU B 448 -41.39 -1.71 -13.42
N ASP B 449 -40.42 -1.41 -14.27
CA ASP B 449 -40.04 -0.03 -14.54
C ASP B 449 -41.08 0.71 -15.36
N ALA C 1 39.02 12.12 24.62
CA ALA C 1 40.29 11.78 24.01
C ALA C 1 40.64 12.84 23.03
N ARG C 2 41.60 12.55 22.16
CA ARG C 2 42.07 13.55 21.27
C ARG C 2 41.22 13.66 20.01
N THR C 3 40.90 14.88 19.61
CA THR C 3 40.03 15.06 18.46
C THR C 3 40.45 16.18 17.53
N GLN C 5 39.84 18.37 13.88
CA GLN C 5 38.68 18.85 13.14
C GLN C 5 39.09 19.13 11.72
N THR C 6 38.17 19.12 10.78
CA THR C 6 38.53 19.33 9.39
C THR C 6 37.46 19.93 8.51
N ALA C 7 37.90 20.50 7.41
CA ALA C 7 37.00 21.01 6.39
C ALA C 7 36.46 19.87 5.60
N ARG C 8 35.23 20.03 5.11
CA ARG C 8 34.58 19.01 4.33
C ARG C 8 34.48 19.50 2.91
N LYS C 9 34.69 18.59 1.96
CA LYS C 9 34.34 18.78 0.56
C LYS C 9 35.48 19.06 -0.36
N ALA D 1 -38.74 -22.88 -16.06
CA ALA D 1 -39.96 -22.37 -15.49
C ALA D 1 -40.38 -21.15 -16.24
N ARG D 2 -41.43 -20.50 -15.80
CA ARG D 2 -41.95 -19.37 -16.54
C ARG D 2 -41.05 -18.17 -16.43
N THR D 3 -40.90 -17.42 -17.51
CA THR D 3 -40.06 -16.24 -17.49
C THR D 3 -40.57 -15.12 -18.36
N GLN D 5 -40.03 -10.95 -19.67
CA GLN D 5 -38.96 -10.02 -19.96
C GLN D 5 -39.50 -8.64 -19.78
N THR D 6 -38.65 -7.66 -19.62
CA THR D 6 -39.16 -6.33 -19.43
C THR D 6 -38.13 -5.42 -20.00
N ALA D 7 -38.44 -4.15 -20.06
CA ALA D 7 -37.47 -3.19 -20.48
C ALA D 7 -36.96 -2.52 -19.24
N ARG D 8 -35.65 -2.40 -19.15
CA ARG D 8 -35.03 -1.63 -18.10
C ARG D 8 -35.03 -0.20 -18.56
N LYS D 9 -35.28 0.74 -17.66
CA LYS D 9 -35.31 2.13 -18.06
C LYS D 9 -34.18 2.91 -17.45
N SER D 10 -33.43 3.57 -18.30
CA SER D 10 -32.32 4.41 -17.87
C SER D 10 -32.78 5.47 -16.88
#